data_8YHU
#
_entry.id   8YHU
#
_cell.length_a   1.00
_cell.length_b   1.00
_cell.length_c   1.00
_cell.angle_alpha   90.00
_cell.angle_beta   90.00
_cell.angle_gamma   90.00
#
_symmetry.space_group_name_H-M   'P 1'
#
loop_
_entity.id
_entity.type
_entity.pdbx_description
1 polymer 'Toll-like receptor 3'
2 polymer 'minibinder 8.6'
3 branched 2-acetamido-2-deoxy-beta-D-glucopyranose-(1-4)-2-acetamido-2-deoxy-beta-D-glucopyranose
4 non-polymer 2-acetamido-2-deoxy-beta-D-glucopyranose
#
loop_
_entity_poly.entity_id
_entity_poly.type
_entity_poly.pdbx_seq_one_letter_code
_entity_poly.pdbx_strand_id
1 'polypeptide(L)'
;KCTVSHEVADCSHLKLTQVPDDLPTNITVLNLTHNQLRRLPAANFTRYSQLTSLDVGFNTISKLEPELCQKLPMLKVLNL
QHNELSQLSDKTFAFCTNLTELHLMSNSIQKIKNNPFVKQKNLITLDLSHNGLSSTKLGTQVQLENLQELLLSNNKIQAL
KSEELDIFANSSLKKLELSSNQIKEFSPGCFHAIGRLFGLFLNNVQLGPSLTEKLCLELANTSIRNLSLSNSQLSTTSNT
TFLGLKWTNLTMLDLSYNNLNVVGNDSFAWLPQLEYFFLEYNNIQHLFSHSLHGLFNVRYLNLKRSFTKQSISLASLPKI
DDFSFQWLKCLEHLNMEDNDIPGIKSNMFTGLINLKYLSLSNSFTSLRTLTNETFVSLAHSPLHILNLTKNKISKIESDA
FSWLGHLEVLDLGLNEIGQELTGQEWRGLENIFEIYLSYNKYLQLTRNSFALVPSLQRLMLRRVALKNVDSSPSPFQPLR
NLTILDLSNNNIANINDDMLEGLEKLEILDLQHNNLARLWKHANPGGPIYFLKGLSHLHILNLESNGFDEIPVEVFKDLF
ELKIIDLGLNNLNTLPASVFNNQVSLKSLNLQKNLITSVEKKVFGPAFRNLTELDMRFNPFDCTCESIAWFVNWINETHT
NIPELSSHYLCNTPPHYHGFPVRLFDTSSCKDSA
;
A
2 'polypeptide(L)' SLEEEAERVVEELVKEFNLSRTQEIALRRYAEYAARATASEEVIEELLRDVAERLS B
#
loop_
_chem_comp.id
_chem_comp.type
_chem_comp.name
_chem_comp.formula
NAG D-saccharide, beta linking 2-acetamido-2-deoxy-beta-D-glucopyranose 'C8 H15 N O6'
#
# COMPACT_ATOMS: atom_id res chain seq x y z
N LYS A 1 -9.17 20.11 31.37
CA LYS A 1 -9.63 18.74 31.53
C LYS A 1 -9.20 17.87 30.36
N CYS A 2 -10.12 17.69 29.40
CA CYS A 2 -9.89 16.82 28.25
C CYS A 2 -9.88 17.65 26.97
N THR A 3 -9.20 17.11 25.95
CA THR A 3 -9.21 17.74 24.64
C THR A 3 -10.62 17.67 24.04
N VAL A 4 -11.09 18.80 23.53
CA VAL A 4 -12.43 18.91 22.95
C VAL A 4 -12.27 19.57 21.59
N SER A 5 -12.44 18.80 20.52
CA SER A 5 -12.24 19.35 19.18
C SER A 5 -13.49 20.08 18.69
N HIS A 6 -14.58 19.35 18.47
CA HIS A 6 -15.84 19.98 18.10
C HIS A 6 -16.94 19.72 19.12
N GLU A 7 -17.29 18.45 19.36
CA GLU A 7 -18.20 18.09 20.44
C GLU A 7 -17.80 16.78 21.10
N VAL A 8 -16.53 16.38 20.99
CA VAL A 8 -16.05 15.12 21.53
C VAL A 8 -15.18 15.40 22.74
N ALA A 9 -15.48 14.74 23.86
CA ALA A 9 -14.70 14.88 25.09
C ALA A 9 -13.71 13.72 25.12
N ASP A 10 -12.60 13.90 24.42
CA ASP A 10 -11.62 12.83 24.22
C ASP A 10 -10.75 12.65 25.47
N CYS A 11 -11.42 12.32 26.57
CA CYS A 11 -10.70 11.96 27.79
C CYS A 11 -10.12 10.56 27.64
N SER A 12 -9.17 10.39 26.72
CA SER A 12 -8.67 9.07 26.40
C SER A 12 -7.90 8.46 27.55
N HIS A 13 -6.79 9.10 27.95
CA HIS A 13 -5.96 8.63 29.05
C HIS A 13 -5.80 9.78 30.04
N LEU A 14 -6.79 9.92 30.92
CA LEU A 14 -6.76 10.91 32.00
C LEU A 14 -7.40 10.21 33.20
N LYS A 15 -6.57 9.56 34.01
CA LYS A 15 -7.06 8.65 35.04
C LYS A 15 -8.08 9.33 35.94
N LEU A 16 -9.31 8.84 35.89
CA LEU A 16 -10.44 9.44 36.59
C LEU A 16 -11.15 8.41 37.44
N THR A 17 -11.72 8.87 38.54
CA THR A 17 -12.62 8.07 39.35
C THR A 17 -14.06 8.52 39.22
N GLN A 18 -14.30 9.79 38.90
CA GLN A 18 -15.62 10.35 38.69
C GLN A 18 -15.82 10.66 37.22
N VAL A 19 -17.04 11.05 36.87
CA VAL A 19 -17.37 11.50 35.52
C VAL A 19 -16.75 12.88 35.33
N PRO A 20 -16.59 13.37 34.10
CA PRO A 20 -16.06 14.72 33.90
C PRO A 20 -16.77 15.78 34.71
N ASP A 21 -18.09 15.90 34.53
CA ASP A 21 -18.98 16.74 35.32
C ASP A 21 -18.72 18.24 35.15
N ASP A 22 -17.76 18.65 34.31
CA ASP A 22 -17.51 20.07 34.10
C ASP A 22 -17.25 20.42 32.64
N LEU A 23 -17.48 19.49 31.73
CA LEU A 23 -17.38 19.72 30.30
C LEU A 23 -18.68 20.31 29.76
N PRO A 24 -18.66 20.85 28.54
CA PRO A 24 -19.89 21.43 27.98
C PRO A 24 -21.03 20.42 27.94
N THR A 25 -22.25 20.93 28.19
CA THR A 25 -23.42 20.09 28.30
C THR A 25 -23.92 19.57 26.95
N ASN A 26 -23.14 19.72 25.88
CA ASN A 26 -23.57 19.32 24.54
C ASN A 26 -22.57 18.39 23.87
N ILE A 27 -21.84 17.58 24.65
CA ILE A 27 -20.86 16.66 24.08
C ILE A 27 -21.57 15.45 23.51
N THR A 28 -20.92 14.78 22.56
CA THR A 28 -21.47 13.61 21.89
C THR A 28 -20.68 12.33 22.17
N VAL A 29 -19.37 12.37 22.02
CA VAL A 29 -18.52 11.19 22.20
C VAL A 29 -17.75 11.37 23.50
N LEU A 30 -18.31 10.84 24.59
CA LEU A 30 -17.63 10.85 25.89
C LEU A 30 -16.67 9.65 25.90
N ASN A 31 -15.54 9.84 25.22
CA ASN A 31 -14.61 8.74 24.96
C ASN A 31 -13.73 8.50 26.19
N LEU A 32 -14.35 7.91 27.21
CA LEU A 32 -13.62 7.47 28.40
C LEU A 32 -13.08 6.07 28.17
N THR A 33 -12.02 5.99 27.37
CA THR A 33 -11.53 4.72 26.86
C THR A 33 -10.55 4.01 27.78
N HIS A 34 -10.07 4.66 28.84
CA HIS A 34 -9.28 3.97 29.85
C HIS A 34 -9.51 4.45 31.27
N ASN A 35 -10.49 5.32 31.53
CA ASN A 35 -10.42 6.14 32.73
C ASN A 35 -11.03 5.45 33.95
N GLN A 36 -10.67 4.18 34.17
CA GLN A 36 -10.80 3.46 35.44
C GLN A 36 -12.02 3.78 36.32
N LEU A 37 -13.18 3.93 35.68
CA LEU A 37 -14.42 4.11 36.41
C LEU A 37 -14.98 2.84 37.01
N ARG A 38 -15.94 2.99 37.93
CA ARG A 38 -16.59 1.86 38.58
C ARG A 38 -18.11 1.95 38.60
N ARG A 39 -18.70 3.13 38.50
CA ARG A 39 -20.15 3.29 38.60
C ARG A 39 -20.64 4.28 37.58
N LEU A 40 -21.83 4.03 37.03
CA LEU A 40 -22.50 4.94 36.11
C LEU A 40 -23.93 5.11 36.60
N PRO A 41 -24.15 5.93 37.62
CA PRO A 41 -25.48 6.10 38.20
C PRO A 41 -26.30 7.11 37.41
N ALA A 42 -27.56 7.27 37.83
CA ALA A 42 -28.50 8.16 37.16
C ALA A 42 -28.56 9.53 37.80
N ALA A 43 -27.46 10.00 38.40
CA ALA A 43 -27.39 11.33 38.99
C ALA A 43 -26.42 12.24 38.25
N ASN A 44 -25.17 11.80 38.07
CA ASN A 44 -24.20 12.63 37.37
C ASN A 44 -24.47 12.72 35.88
N PHE A 45 -25.21 11.77 35.32
CA PHE A 45 -25.44 11.73 33.88
C PHE A 45 -26.56 12.65 33.43
N THR A 46 -27.37 13.18 34.36
CA THR A 46 -28.43 14.08 33.94
C THR A 46 -27.88 15.38 33.35
N ARG A 47 -26.61 15.70 33.63
CA ARG A 47 -25.97 16.82 32.96
C ARG A 47 -25.84 16.54 31.46
N TYR A 48 -25.47 15.32 31.10
CA TYR A 48 -25.35 14.92 29.70
C TYR A 48 -26.66 14.26 29.27
N SER A 49 -27.63 15.09 28.91
CA SER A 49 -28.88 14.61 28.36
C SER A 49 -28.87 14.54 26.85
N GLN A 50 -27.71 14.79 26.23
CA GLN A 50 -27.58 14.80 24.77
C GLN A 50 -26.51 13.84 24.27
N LEU A 51 -25.94 13.01 25.13
CA LEU A 51 -24.87 12.11 24.73
C LEU A 51 -25.40 11.03 23.79
N THR A 52 -24.64 10.77 22.72
CA THR A 52 -25.03 9.78 21.72
C THR A 52 -24.08 8.60 21.66
N SER A 53 -22.78 8.84 21.47
CA SER A 53 -21.79 7.79 21.31
C SER A 53 -20.98 7.68 22.60
N LEU A 54 -21.46 6.88 23.53
CA LEU A 54 -20.78 6.65 24.79
C LEU A 54 -19.86 5.44 24.65
N ASP A 55 -18.55 5.68 24.69
CA ASP A 55 -17.57 4.61 24.69
C ASP A 55 -16.88 4.58 26.04
N VAL A 56 -17.04 3.47 26.76
CA VAL A 56 -16.45 3.33 28.08
C VAL A 56 -15.56 2.08 28.04
N GLY A 57 -14.97 1.81 26.89
CA GLY A 57 -14.15 0.62 26.73
C GLY A 57 -12.95 0.62 27.66
N PHE A 58 -12.45 -0.60 27.91
CA PHE A 58 -11.30 -0.84 28.76
C PHE A 58 -11.43 -0.13 30.11
N ASN A 59 -12.48 -0.52 30.84
CA ASN A 59 -12.78 0.07 32.13
C ASN A 59 -13.59 -0.94 32.93
N THR A 60 -13.56 -0.81 34.26
CA THR A 60 -14.18 -1.79 35.14
C THR A 60 -15.51 -1.29 35.69
N ILE A 61 -16.57 -1.49 34.91
CA ILE A 61 -17.94 -1.32 35.36
C ILE A 61 -18.49 -2.70 35.71
N SER A 62 -18.90 -2.88 36.97
CA SER A 62 -19.38 -4.16 37.43
C SER A 62 -20.89 -4.23 37.57
N LYS A 63 -21.59 -3.10 37.48
CA LYS A 63 -23.04 -3.07 37.63
C LYS A 63 -23.63 -2.02 36.71
N LEU A 64 -24.78 -2.35 36.12
CA LEU A 64 -25.52 -1.42 35.26
C LEU A 64 -26.96 -1.37 35.76
N GLU A 65 -27.31 -0.30 36.47
CA GLU A 65 -28.69 -0.11 36.88
C GLU A 65 -29.54 0.34 35.69
N PRO A 66 -30.81 -0.09 35.63
CA PRO A 66 -31.66 0.33 34.51
C PRO A 66 -31.86 1.83 34.42
N GLU A 67 -31.88 2.53 35.57
CA GLU A 67 -32.14 3.96 35.58
C GLU A 67 -31.14 4.74 34.74
N LEU A 68 -29.94 4.20 34.55
CA LEU A 68 -28.94 4.87 33.72
C LEU A 68 -29.48 5.11 32.31
N CYS A 69 -30.19 4.13 31.75
CA CYS A 69 -30.76 4.33 30.42
C CYS A 69 -31.96 5.26 30.44
N GLN A 70 -32.59 5.47 31.60
CA GLN A 70 -33.73 6.37 31.65
C GLN A 70 -33.33 7.80 31.31
N LYS A 71 -32.18 8.24 31.79
CA LYS A 71 -31.70 9.59 31.55
C LYS A 71 -30.98 9.74 30.21
N LEU A 72 -30.77 8.65 29.48
CA LEU A 72 -30.05 8.67 28.21
C LEU A 72 -30.91 8.04 27.14
N PRO A 73 -31.93 8.75 26.65
CA PRO A 73 -32.71 8.25 25.52
C PRO A 73 -32.12 8.55 24.16
N MET A 74 -31.07 9.36 24.10
CA MET A 74 -30.45 9.76 22.84
C MET A 74 -29.25 8.88 22.45
N LEU A 75 -28.91 7.90 23.27
CA LEU A 75 -27.74 7.08 22.99
C LEU A 75 -27.98 6.19 21.79
N LYS A 76 -26.98 6.06 20.93
CA LYS A 76 -27.06 5.22 19.74
C LYS A 76 -26.10 4.04 19.81
N VAL A 77 -24.81 4.29 20.04
CA VAL A 77 -23.78 3.27 20.07
C VAL A 77 -23.11 3.30 21.43
N LEU A 78 -22.96 2.13 22.04
CA LEU A 78 -22.24 2.00 23.30
C LEU A 78 -21.29 0.82 23.20
N ASN A 79 -20.07 1.01 23.67
CA ASN A 79 -19.02 -0.01 23.59
C ASN A 79 -18.62 -0.38 25.01
N LEU A 80 -19.33 -1.37 25.57
CA LEU A 80 -18.99 -1.90 26.90
C LEU A 80 -17.97 -3.01 26.71
N GLN A 81 -16.73 -2.61 26.43
CA GLN A 81 -15.64 -3.53 26.16
C GLN A 81 -14.75 -3.67 27.39
N HIS A 82 -14.31 -4.89 27.66
CA HIS A 82 -13.39 -5.19 28.75
C HIS A 82 -13.91 -4.70 30.10
N ASN A 83 -15.23 -4.68 30.25
CA ASN A 83 -15.85 -4.36 31.52
C ASN A 83 -16.10 -5.65 32.30
N GLU A 84 -16.88 -5.57 33.38
CA GLU A 84 -17.17 -6.72 34.22
C GLU A 84 -18.68 -6.90 34.35
N LEU A 85 -19.38 -6.85 33.22
CA LEU A 85 -20.81 -7.12 33.22
C LEU A 85 -21.06 -8.61 33.38
N SER A 86 -20.68 -9.18 34.52
CA SER A 86 -20.75 -10.63 34.70
C SER A 86 -22.17 -11.08 35.01
N GLN A 87 -22.71 -10.62 36.14
CA GLN A 87 -24.05 -11.01 36.56
C GLN A 87 -25.06 -10.14 35.82
N LEU A 88 -25.79 -10.76 34.89
CA LEU A 88 -26.78 -10.05 34.09
C LEU A 88 -28.16 -10.26 34.67
N SER A 89 -29.07 -9.34 34.35
CA SER A 89 -30.44 -9.37 34.86
C SER A 89 -31.41 -9.12 33.72
N ASP A 90 -32.67 -9.50 33.97
CA ASP A 90 -33.71 -9.35 32.95
C ASP A 90 -33.91 -7.89 32.58
N LYS A 91 -33.84 -6.99 33.56
CA LYS A 91 -34.08 -5.57 33.34
C LYS A 91 -32.81 -4.73 33.48
N THR A 92 -31.64 -5.34 33.22
CA THR A 92 -30.42 -4.54 33.15
C THR A 92 -30.50 -3.50 32.04
N PHE A 93 -31.31 -3.77 31.01
CA PHE A 93 -31.74 -2.75 30.06
C PHE A 93 -33.07 -3.23 29.49
N ALA A 94 -34.17 -2.70 30.02
CA ALA A 94 -35.51 -3.09 29.62
C ALA A 94 -36.09 -2.14 28.57
N PHE A 95 -36.22 -0.86 28.91
CA PHE A 95 -36.67 0.16 27.97
C PHE A 95 -35.51 0.89 27.33
N CYS A 96 -34.31 0.32 27.38
CA CYS A 96 -33.12 0.92 26.79
C CYS A 96 -32.97 0.44 25.35
N THR A 97 -33.94 0.83 24.52
CA THR A 97 -33.95 0.43 23.12
C THR A 97 -34.09 1.65 22.22
N ASN A 98 -32.98 2.32 21.97
CA ASN A 98 -32.88 3.25 20.85
C ASN A 98 -31.46 3.13 20.29
N LEU A 99 -30.87 1.95 20.44
CA LEU A 99 -29.48 1.75 20.04
C LEU A 99 -29.39 1.51 18.54
N THR A 100 -28.15 1.52 18.04
CA THR A 100 -27.83 1.17 16.67
C THR A 100 -26.64 0.24 16.55
N GLU A 101 -25.87 0.05 17.62
CA GLU A 101 -24.72 -0.85 17.62
C GLU A 101 -24.37 -1.11 19.08
N LEU A 102 -23.90 -2.31 19.36
CA LEU A 102 -23.64 -2.72 20.73
C LEU A 102 -22.49 -3.70 20.77
N HIS A 103 -21.68 -3.59 21.82
CA HIS A 103 -20.55 -4.47 22.04
C HIS A 103 -20.51 -4.87 23.50
N LEU A 104 -20.24 -6.15 23.76
CA LEU A 104 -20.12 -6.65 25.12
C LEU A 104 -18.92 -7.58 25.23
N MET A 105 -17.83 -7.20 24.59
CA MET A 105 -16.66 -8.06 24.47
C MET A 105 -15.87 -8.11 25.78
N SER A 106 -15.31 -9.29 26.06
CA SER A 106 -14.50 -9.53 27.25
C SER A 106 -15.27 -9.19 28.53
N ASN A 107 -16.51 -9.69 28.61
CA ASN A 107 -17.35 -9.49 29.79
C ASN A 107 -17.59 -10.75 30.60
N SER A 108 -17.30 -11.92 30.04
CA SER A 108 -17.40 -13.20 30.75
C SER A 108 -18.81 -13.44 31.28
N ILE A 109 -19.75 -13.57 30.35
CA ILE A 109 -21.13 -13.90 30.66
C ILE A 109 -21.34 -15.37 30.34
N GLN A 110 -21.33 -16.20 31.38
CA GLN A 110 -21.49 -17.64 31.19
C GLN A 110 -22.89 -18.00 30.72
N LYS A 111 -23.91 -17.30 31.23
CA LYS A 111 -25.30 -17.63 30.92
C LYS A 111 -26.03 -16.40 30.42
N ILE A 112 -26.91 -16.61 29.44
CA ILE A 112 -27.79 -15.55 28.95
C ILE A 112 -29.08 -15.45 29.77
N LYS A 113 -29.27 -16.34 30.74
CA LYS A 113 -30.44 -16.35 31.63
C LYS A 113 -31.66 -16.56 30.74
N ASN A 114 -32.75 -15.81 30.92
CA ASN A 114 -34.00 -16.07 30.21
C ASN A 114 -34.17 -15.24 28.94
N ASN A 115 -34.18 -13.92 29.07
CA ASN A 115 -34.43 -13.05 27.93
C ASN A 115 -33.95 -11.64 28.24
N PRO A 116 -32.64 -11.38 28.17
CA PRO A 116 -32.13 -10.04 28.51
C PRO A 116 -32.71 -8.94 27.63
N PHE A 117 -32.98 -9.23 26.36
CA PHE A 117 -33.43 -8.20 25.43
C PHE A 117 -34.47 -8.78 24.48
N VAL A 118 -35.55 -8.03 24.27
CA VAL A 118 -36.66 -8.55 23.46
C VAL A 118 -37.09 -7.58 22.37
N LYS A 119 -36.83 -6.28 22.55
CA LYS A 119 -37.37 -5.33 21.58
C LYS A 119 -36.38 -4.99 20.47
N GLN A 120 -35.31 -4.30 20.83
CA GLN A 120 -34.18 -3.99 19.93
C GLN A 120 -34.62 -3.77 18.49
N LYS A 121 -35.51 -2.80 18.32
CA LYS A 121 -36.10 -2.51 17.02
C LYS A 121 -35.12 -1.89 16.04
N ASN A 122 -33.96 -1.40 16.51
CA ASN A 122 -33.00 -0.77 15.61
C ASN A 122 -31.58 -1.24 15.90
N LEU A 123 -31.41 -2.49 16.31
CA LEU A 123 -30.08 -3.02 16.64
C LEU A 123 -29.51 -3.66 15.39
N ILE A 124 -28.79 -2.86 14.59
CA ILE A 124 -28.26 -3.35 13.32
C ILE A 124 -27.17 -4.39 13.54
N THR A 125 -26.22 -4.10 14.42
CA THR A 125 -25.07 -4.95 14.64
C THR A 125 -24.85 -5.16 16.12
N LEU A 126 -24.54 -6.39 16.50
CA LEU A 126 -24.26 -6.74 17.89
C LEU A 126 -23.05 -7.66 17.95
N ASP A 127 -22.22 -7.48 18.96
CA ASP A 127 -21.02 -8.29 19.14
C ASP A 127 -21.04 -8.92 20.53
N LEU A 128 -20.68 -10.20 20.59
CA LEU A 128 -20.36 -10.90 21.83
C LEU A 128 -19.16 -11.78 21.49
N SER A 129 -17.95 -11.26 21.70
CA SER A 129 -16.77 -11.89 21.11
C SER A 129 -16.07 -12.85 22.07
N HIS A 130 -15.58 -12.35 23.20
CA HIS A 130 -14.71 -13.16 24.06
C HIS A 130 -15.32 -13.35 25.44
N ASN A 131 -16.59 -13.70 25.50
CA ASN A 131 -17.27 -13.83 26.78
C ASN A 131 -17.02 -15.20 27.41
N GLY A 132 -17.42 -16.26 26.73
CA GLY A 132 -17.41 -17.59 27.30
C GLY A 132 -18.72 -18.29 27.03
N LEU A 133 -19.51 -17.69 26.15
CA LEU A 133 -20.83 -18.22 25.82
C LEU A 133 -20.72 -19.62 25.21
N SER A 134 -21.68 -20.47 25.55
CA SER A 134 -21.68 -21.86 25.11
C SER A 134 -23.00 -22.24 24.46
N SER A 135 -23.66 -21.31 23.80
CA SER A 135 -24.93 -21.54 23.14
C SER A 135 -25.23 -20.35 22.24
N THR A 136 -26.43 -20.35 21.63
CA THR A 136 -26.87 -19.22 20.82
C THR A 136 -28.31 -18.82 21.13
N LYS A 137 -28.85 -19.24 22.27
CA LYS A 137 -30.21 -18.89 22.66
C LYS A 137 -30.20 -17.51 23.29
N LEU A 138 -30.52 -16.49 22.49
CA LEU A 138 -30.54 -15.11 22.98
C LEU A 138 -31.93 -14.64 23.40
N GLY A 139 -32.98 -15.20 22.82
CA GLY A 139 -34.34 -14.84 23.17
C GLY A 139 -35.31 -15.99 23.06
N THR A 140 -36.61 -15.70 22.96
CA THR A 140 -37.63 -16.74 22.88
C THR A 140 -38.47 -16.65 21.61
N GLN A 141 -38.95 -15.47 21.26
CA GLN A 141 -39.89 -15.29 20.15
C GLN A 141 -39.21 -14.55 19.01
N VAL A 142 -40.01 -14.19 17.99
CA VAL A 142 -39.50 -13.42 16.87
C VAL A 142 -38.88 -12.14 17.39
N GLN A 143 -37.65 -11.87 16.97
CA GLN A 143 -36.79 -10.92 17.64
C GLN A 143 -35.61 -10.65 16.71
N LEU A 144 -34.80 -9.64 17.04
CA LEU A 144 -33.64 -9.27 16.23
C LEU A 144 -34.06 -8.94 14.81
N GLU A 145 -35.18 -8.23 14.67
CA GLU A 145 -35.78 -7.98 13.36
C GLU A 145 -34.90 -7.13 12.47
N ASN A 146 -33.88 -6.48 13.02
CA ASN A 146 -32.97 -5.66 12.22
C ASN A 146 -31.50 -5.95 12.48
N LEU A 147 -31.17 -7.08 13.11
CA LEU A 147 -29.76 -7.41 13.36
C LEU A 147 -29.15 -7.93 12.07
N GLN A 148 -28.30 -7.11 11.46
CA GLN A 148 -27.71 -7.41 10.16
C GLN A 148 -26.46 -8.27 10.26
N GLU A 149 -25.59 -8.01 11.23
CA GLU A 149 -24.28 -8.66 11.31
C GLU A 149 -23.98 -9.04 12.76
N LEU A 150 -24.34 -10.26 13.13
CA LEU A 150 -23.97 -10.77 14.43
C LEU A 150 -22.50 -11.17 14.44
N LEU A 151 -21.92 -11.21 15.65
CA LEU A 151 -20.51 -11.57 15.83
C LEU A 151 -20.38 -12.40 17.09
N LEU A 152 -20.35 -13.72 16.93
CA LEU A 152 -19.97 -14.63 18.01
C LEU A 152 -18.51 -15.04 17.74
N SER A 153 -17.61 -14.12 18.06
CA SER A 153 -16.25 -14.20 17.51
C SER A 153 -15.44 -15.33 18.12
N ASN A 154 -15.50 -15.49 19.44
CA ASN A 154 -14.62 -16.48 20.09
C ASN A 154 -15.33 -17.00 21.34
N ASN A 155 -16.04 -18.12 21.18
CA ASN A 155 -16.82 -18.68 22.27
C ASN A 155 -16.45 -20.14 22.49
N LYS A 156 -17.22 -20.83 23.33
CA LYS A 156 -17.00 -22.26 23.56
C LYS A 156 -18.19 -23.08 23.05
N ILE A 157 -18.74 -22.68 21.91
CA ILE A 157 -19.85 -23.40 21.31
C ILE A 157 -19.36 -24.75 20.80
N GLN A 158 -20.10 -25.81 21.11
CA GLN A 158 -19.71 -27.16 20.72
C GLN A 158 -20.75 -27.85 19.85
N ALA A 159 -21.77 -27.14 19.39
CA ALA A 159 -22.80 -27.72 18.53
C ALA A 159 -23.67 -26.59 18.00
N LEU A 160 -24.63 -26.95 17.15
CA LEU A 160 -25.63 -26.01 16.63
C LEU A 160 -26.92 -26.78 16.43
N LYS A 161 -28.04 -26.17 16.83
CA LYS A 161 -29.35 -26.81 16.72
C LYS A 161 -30.36 -25.80 16.19
N SER A 162 -31.40 -26.33 15.53
CA SER A 162 -32.44 -25.47 14.97
C SER A 162 -33.22 -24.74 16.05
N GLU A 163 -33.57 -25.44 17.13
CA GLU A 163 -34.35 -24.82 18.21
C GLU A 163 -33.56 -23.71 18.89
N GLU A 164 -32.24 -23.83 18.95
CA GLU A 164 -31.41 -22.76 19.50
C GLU A 164 -31.39 -21.52 18.63
N LEU A 165 -31.80 -21.63 17.36
CA LEU A 165 -31.83 -20.51 16.44
C LEU A 165 -33.24 -20.14 16.00
N ASP A 166 -34.27 -20.75 16.59
CA ASP A 166 -35.65 -20.46 16.21
C ASP A 166 -35.99 -18.99 16.37
N ILE A 167 -35.29 -18.28 17.27
CA ILE A 167 -35.46 -16.85 17.41
C ILE A 167 -35.00 -16.08 16.18
N PHE A 168 -34.32 -16.75 15.25
CA PHE A 168 -33.90 -16.15 13.99
C PHE A 168 -34.85 -16.52 12.85
N ALA A 169 -36.15 -16.63 13.14
CA ALA A 169 -37.10 -17.07 12.14
C ALA A 169 -37.17 -16.12 10.96
N ASN A 170 -37.15 -14.81 11.23
CA ASN A 170 -37.25 -13.79 10.19
C ASN A 170 -36.22 -12.70 10.42
N SER A 171 -34.99 -13.10 10.75
CA SER A 171 -33.88 -12.18 10.95
C SER A 171 -32.97 -12.22 9.72
N SER A 172 -32.73 -11.05 9.13
CA SER A 172 -31.88 -10.93 7.96
C SER A 172 -30.44 -10.75 8.42
N LEU A 173 -29.63 -11.78 8.26
CA LEU A 173 -28.23 -11.76 8.63
C LEU A 173 -27.37 -11.55 7.38
N LYS A 174 -26.42 -10.63 7.47
CA LYS A 174 -25.49 -10.39 6.36
C LYS A 174 -24.21 -11.22 6.53
N LYS A 175 -23.54 -11.05 7.66
CA LYS A 175 -22.31 -11.78 7.97
C LYS A 175 -22.41 -12.32 9.38
N LEU A 176 -22.41 -13.65 9.50
CA LEU A 176 -22.46 -14.32 10.79
C LEU A 176 -21.13 -14.99 11.06
N GLU A 177 -20.52 -14.66 12.19
CA GLU A 177 -19.18 -15.12 12.54
C GLU A 177 -19.25 -16.05 13.74
N LEU A 178 -18.71 -17.25 13.58
CA LEU A 178 -18.60 -18.24 14.66
C LEU A 178 -17.20 -18.79 14.73
N SER A 179 -16.20 -17.94 14.52
CA SER A 179 -14.83 -18.40 14.42
C SER A 179 -14.29 -18.82 15.79
N SER A 180 -13.13 -19.47 15.76
CA SER A 180 -12.31 -19.73 16.95
C SER A 180 -13.12 -20.42 18.05
N ASN A 181 -14.00 -21.35 17.67
CA ASN A 181 -14.71 -22.16 18.62
C ASN A 181 -14.78 -23.61 18.14
N GLN A 182 -14.33 -24.53 18.98
CA GLN A 182 -14.20 -25.94 18.60
C GLN A 182 -15.57 -26.57 18.56
N ILE A 183 -16.01 -26.96 17.37
CA ILE A 183 -17.33 -27.55 17.16
C ILE A 183 -17.13 -28.95 16.58
N LYS A 184 -17.78 -29.95 17.18
CA LYS A 184 -17.71 -31.32 16.69
C LYS A 184 -19.11 -31.90 16.47
N GLU A 185 -20.08 -31.05 16.13
CA GLU A 185 -21.41 -31.54 15.80
C GLU A 185 -22.21 -30.43 15.15
N PHE A 186 -22.99 -30.80 14.13
CA PHE A 186 -23.93 -29.90 13.47
C PHE A 186 -25.25 -30.66 13.35
N SER A 187 -26.11 -30.49 14.34
CA SER A 187 -27.35 -31.27 14.42
C SER A 187 -28.25 -30.99 13.21
N PRO A 188 -28.96 -32.01 12.71
CA PRO A 188 -29.70 -31.85 11.45
C PRO A 188 -30.67 -30.68 11.43
N GLY A 189 -30.35 -29.68 10.60
CA GLY A 189 -31.16 -28.49 10.47
C GLY A 189 -30.64 -27.37 11.34
N CYS A 190 -29.89 -26.46 10.75
CA CYS A 190 -29.40 -25.30 11.51
C CYS A 190 -29.63 -23.98 10.81
N PHE A 191 -29.51 -23.94 9.48
CA PHE A 191 -29.38 -22.69 8.77
C PHE A 191 -30.53 -22.37 7.84
N HIS A 192 -31.37 -23.34 7.48
CA HIS A 192 -32.62 -23.02 6.83
C HIS A 192 -33.72 -22.66 7.82
N ALA A 193 -33.47 -22.82 9.12
CA ALA A 193 -34.33 -22.20 10.12
C ALA A 193 -34.16 -20.69 10.12
N ILE A 194 -32.91 -20.22 10.04
CA ILE A 194 -32.63 -18.80 9.93
C ILE A 194 -33.16 -18.31 8.59
N GLY A 195 -33.86 -17.17 8.61
CA GLY A 195 -34.58 -16.73 7.43
C GLY A 195 -33.67 -16.39 6.27
N ARG A 196 -32.61 -15.62 6.52
CA ARG A 196 -31.76 -15.12 5.46
C ARG A 196 -30.29 -15.17 5.88
N LEU A 197 -29.85 -16.30 6.43
CA LEU A 197 -28.42 -16.46 6.69
C LEU A 197 -27.62 -16.37 5.40
N PHE A 198 -26.89 -15.27 5.21
CA PHE A 198 -26.21 -15.00 3.95
C PHE A 198 -24.72 -15.34 4.02
N GLY A 199 -23.99 -14.73 4.95
CA GLY A 199 -22.59 -15.01 5.13
C GLY A 199 -22.37 -15.94 6.29
N LEU A 200 -21.17 -16.52 6.34
CA LEU A 200 -20.84 -17.45 7.41
C LEU A 200 -19.34 -17.59 7.50
N PHE A 201 -18.79 -17.39 8.69
CA PHE A 201 -17.36 -17.50 8.94
C PHE A 201 -17.12 -18.67 9.89
N LEU A 202 -16.29 -19.62 9.48
CA LEU A 202 -15.88 -20.74 10.32
C LEU A 202 -14.36 -20.84 10.35
N ASN A 203 -13.70 -19.70 10.42
CA ASN A 203 -12.25 -19.67 10.40
C ASN A 203 -11.67 -20.31 11.66
N ASN A 204 -10.53 -20.98 11.48
CA ASN A 204 -9.71 -21.46 12.58
C ASN A 204 -10.46 -22.44 13.49
N VAL A 205 -11.27 -23.31 12.89
CA VAL A 205 -11.87 -24.44 13.58
C VAL A 205 -11.61 -25.69 12.75
N GLN A 206 -11.19 -26.76 13.43
CA GLN A 206 -10.83 -28.00 12.74
C GLN A 206 -12.10 -28.73 12.33
N LEU A 207 -12.48 -28.58 11.06
CA LEU A 207 -13.63 -29.32 10.52
C LEU A 207 -13.18 -30.61 9.84
N GLY A 208 -12.41 -30.48 8.77
CA GLY A 208 -11.79 -31.62 8.12
C GLY A 208 -12.77 -32.62 7.53
N PRO A 209 -12.24 -33.82 7.25
CA PRO A 209 -13.11 -34.90 6.76
C PRO A 209 -14.04 -35.41 7.85
N SER A 210 -15.14 -36.02 7.40
CA SER A 210 -16.17 -36.63 8.24
C SER A 210 -17.00 -35.55 8.94
N LEU A 211 -16.61 -34.29 8.80
CA LEU A 211 -17.38 -33.17 9.30
C LEU A 211 -17.79 -32.21 8.19
N THR A 212 -16.86 -31.83 7.32
CA THR A 212 -17.21 -30.99 6.18
C THR A 212 -18.15 -31.71 5.23
N GLU A 213 -18.08 -33.04 5.19
CA GLU A 213 -18.93 -33.82 4.30
C GLU A 213 -20.40 -33.68 4.66
N LYS A 214 -20.71 -33.59 5.97
CA LYS A 214 -22.08 -33.35 6.38
C LYS A 214 -22.39 -31.86 6.50
N LEU A 215 -21.36 -31.03 6.68
CA LEU A 215 -21.57 -29.59 6.67
C LEU A 215 -22.06 -29.11 5.31
N CYS A 216 -21.49 -29.65 4.23
CA CYS A 216 -21.95 -29.26 2.91
C CYS A 216 -23.38 -29.73 2.65
N LEU A 217 -23.77 -30.86 3.28
CA LEU A 217 -25.17 -31.27 3.23
C LEU A 217 -26.06 -30.28 3.98
N GLU A 218 -25.66 -29.88 5.17
CA GLU A 218 -26.50 -29.00 5.98
C GLU A 218 -26.68 -27.65 5.30
N LEU A 219 -25.60 -27.07 4.79
CA LEU A 219 -25.71 -25.79 4.09
C LEU A 219 -26.49 -25.90 2.80
N ALA A 220 -26.75 -27.12 2.31
CA ALA A 220 -27.58 -27.26 1.14
C ALA A 220 -29.00 -26.78 1.43
N ASN A 221 -29.60 -26.13 0.42
CA ASN A 221 -30.91 -25.49 0.57
C ASN A 221 -30.88 -24.44 1.68
N THR A 222 -29.77 -23.70 1.75
CA THR A 222 -29.61 -22.55 2.63
C THR A 222 -28.99 -21.41 1.83
N SER A 223 -29.51 -20.21 2.02
CA SER A 223 -29.11 -19.08 1.19
C SER A 223 -27.76 -18.48 1.61
N ILE A 224 -26.73 -19.31 1.66
CA ILE A 224 -25.39 -18.85 2.02
C ILE A 224 -24.63 -18.50 0.75
N ARG A 225 -23.97 -17.34 0.76
CA ARG A 225 -23.26 -16.84 -0.40
C ARG A 225 -21.74 -16.86 -0.19
N ASN A 226 -21.25 -16.21 0.86
CA ASN A 226 -19.84 -16.26 1.21
C ASN A 226 -19.57 -17.43 2.15
N LEU A 227 -18.32 -17.87 2.16
CA LEU A 227 -17.90 -18.90 3.10
C LEU A 227 -16.39 -18.81 3.23
N SER A 228 -15.88 -19.09 4.42
CA SER A 228 -14.45 -18.98 4.70
C SER A 228 -14.08 -20.08 5.68
N LEU A 229 -13.27 -21.04 5.22
CA LEU A 229 -12.75 -22.12 6.05
C LEU A 229 -11.24 -21.97 6.23
N SER A 230 -10.77 -20.73 6.34
CA SER A 230 -9.34 -20.48 6.48
C SER A 230 -8.81 -21.14 7.75
N ASN A 231 -7.67 -21.80 7.63
CA ASN A 231 -7.00 -22.54 8.70
C ASN A 231 -7.85 -23.69 9.23
N SER A 232 -8.98 -23.99 8.60
CA SER A 232 -9.75 -25.19 8.92
C SER A 232 -9.07 -26.36 8.23
N GLN A 233 -8.55 -27.29 9.02
CA GLN A 233 -7.66 -28.33 8.52
C GLN A 233 -8.31 -29.13 7.39
N LEU A 234 -7.80 -28.96 6.18
CA LEU A 234 -8.27 -29.69 4.99
C LEU A 234 -7.02 -30.27 4.33
N SER A 235 -6.61 -31.45 4.79
CA SER A 235 -5.40 -32.07 4.27
C SER A 235 -5.55 -32.43 2.79
N THR A 236 -6.72 -32.95 2.41
CA THR A 236 -6.95 -33.36 1.04
C THR A 236 -8.33 -32.90 0.56
N THR A 237 -8.73 -33.36 -0.62
CA THR A 237 -10.07 -33.11 -1.14
C THR A 237 -10.42 -34.20 -2.14
N SER A 238 -11.72 -34.42 -2.30
CA SER A 238 -12.22 -35.42 -3.23
C SER A 238 -13.49 -34.88 -3.87
N ASN A 239 -14.14 -35.73 -4.69
CA ASN A 239 -15.35 -35.34 -5.38
C ASN A 239 -16.61 -35.43 -4.53
N THR A 240 -16.52 -36.02 -3.33
CA THR A 240 -17.66 -36.10 -2.42
C THR A 240 -17.73 -34.91 -1.46
N THR A 241 -16.58 -34.41 -1.03
CA THR A 241 -16.55 -33.19 -0.21
C THR A 241 -17.10 -32.02 -1.03
N PHE A 242 -17.90 -31.19 -0.37
CA PHE A 242 -18.57 -30.04 -1.00
C PHE A 242 -19.57 -30.47 -2.06
N LEU A 243 -20.07 -31.71 -1.99
CA LEU A 243 -21.11 -32.14 -2.91
C LEU A 243 -22.41 -31.38 -2.67
N GLY A 244 -22.85 -31.33 -1.40
CA GLY A 244 -24.09 -30.67 -1.07
C GLY A 244 -24.10 -29.17 -1.33
N LEU A 245 -22.92 -28.58 -1.52
CA LEU A 245 -22.84 -27.16 -1.84
C LEU A 245 -23.21 -26.85 -3.28
N LYS A 246 -23.66 -27.83 -4.06
CA LYS A 246 -24.05 -27.56 -5.43
C LYS A 246 -25.40 -26.87 -5.50
N TRP A 247 -26.34 -27.24 -4.62
CA TRP A 247 -27.65 -26.62 -4.64
C TRP A 247 -27.62 -25.21 -4.06
N THR A 248 -26.91 -25.02 -2.96
CA THR A 248 -26.77 -23.70 -2.35
C THR A 248 -25.73 -22.90 -3.13
N ASN A 249 -26.15 -21.76 -3.66
CA ASN A 249 -25.35 -21.04 -4.65
C ASN A 249 -24.36 -20.14 -3.94
N LEU A 250 -23.15 -20.68 -3.72
CA LEU A 250 -22.04 -19.97 -3.09
C LEU A 250 -21.35 -19.09 -4.12
N THR A 251 -20.65 -18.05 -3.64
CA THR A 251 -19.96 -17.13 -4.52
C THR A 251 -18.49 -16.92 -4.18
N MET A 252 -18.10 -17.04 -2.92
CA MET A 252 -16.71 -16.83 -2.51
C MET A 252 -16.31 -17.93 -1.54
N LEU A 253 -15.03 -18.30 -1.58
CA LEU A 253 -14.53 -19.37 -0.74
C LEU A 253 -13.14 -18.98 -0.24
N ASP A 254 -12.65 -19.73 0.74
CA ASP A 254 -11.34 -19.46 1.33
C ASP A 254 -10.81 -20.76 1.91
N LEU A 255 -9.77 -21.31 1.29
CA LEU A 255 -9.09 -22.48 1.81
C LEU A 255 -7.64 -22.20 2.18
N SER A 256 -7.35 -20.96 2.54
CA SER A 256 -5.98 -20.56 2.84
C SER A 256 -5.53 -21.10 4.19
N TYR A 257 -4.22 -21.32 4.30
CA TYR A 257 -3.57 -21.64 5.58
C TYR A 257 -4.07 -22.95 6.19
N ASN A 258 -4.54 -23.89 5.37
CA ASN A 258 -5.02 -25.16 5.90
C ASN A 258 -4.15 -26.34 5.48
N ASN A 259 -2.97 -26.08 4.90
CA ASN A 259 -2.03 -27.13 4.51
C ASN A 259 -2.68 -28.16 3.58
N LEU A 260 -3.12 -27.66 2.42
CA LEU A 260 -3.71 -28.53 1.41
C LEU A 260 -2.61 -29.21 0.62
N ASN A 261 -2.51 -30.53 0.76
CA ASN A 261 -1.40 -31.28 0.18
C ASN A 261 -1.67 -31.66 -1.29
N VAL A 262 -2.73 -32.41 -1.53
CA VAL A 262 -3.07 -32.88 -2.87
C VAL A 262 -4.53 -32.58 -3.15
N VAL A 263 -4.83 -32.22 -4.39
CA VAL A 263 -6.19 -31.95 -4.83
C VAL A 263 -6.70 -33.15 -5.61
N GLY A 264 -7.87 -33.65 -5.26
CA GLY A 264 -8.44 -34.81 -5.92
C GLY A 264 -8.84 -34.52 -7.34
N ASN A 265 -9.21 -35.55 -8.11
CA ASN A 265 -9.46 -35.35 -9.53
C ASN A 265 -10.64 -34.42 -9.76
N ASP A 266 -11.85 -34.87 -9.45
CA ASP A 266 -13.02 -34.03 -9.66
C ASP A 266 -13.46 -33.34 -8.38
N SER A 267 -12.54 -32.66 -7.70
CA SER A 267 -12.93 -31.82 -6.58
C SER A 267 -13.16 -30.40 -7.06
N PHE A 268 -14.01 -29.69 -6.32
CA PHE A 268 -14.42 -28.32 -6.67
C PHE A 268 -15.13 -28.27 -8.01
N ALA A 269 -15.58 -29.42 -8.52
CA ALA A 269 -16.42 -29.47 -9.70
C ALA A 269 -17.89 -29.20 -9.39
N TRP A 270 -18.27 -29.26 -8.11
CA TRP A 270 -19.63 -28.96 -7.67
C TRP A 270 -19.82 -27.49 -7.32
N LEU A 271 -19.00 -26.60 -7.88
CA LEU A 271 -19.02 -25.18 -7.53
C LEU A 271 -19.08 -24.31 -8.78
N PRO A 272 -20.18 -24.39 -9.55
CA PRO A 272 -20.25 -23.58 -10.78
C PRO A 272 -20.21 -22.08 -10.54
N GLN A 273 -20.50 -21.62 -9.32
CA GLN A 273 -20.73 -20.21 -9.04
C GLN A 273 -19.65 -19.59 -8.15
N LEU A 274 -18.51 -20.24 -8.00
CA LEU A 274 -17.44 -19.72 -7.15
C LEU A 274 -16.67 -18.65 -7.92
N GLU A 275 -16.84 -17.39 -7.50
CA GLU A 275 -16.17 -16.28 -8.17
C GLU A 275 -14.73 -16.08 -7.68
N TYR A 276 -14.57 -15.76 -6.41
CA TYR A 276 -13.24 -15.63 -5.82
C TYR A 276 -12.78 -16.99 -5.32
N PHE A 277 -11.47 -17.10 -5.07
CA PHE A 277 -10.93 -18.40 -4.70
C PHE A 277 -9.56 -18.18 -4.09
N PHE A 278 -9.39 -18.61 -2.83
CA PHE A 278 -8.20 -18.32 -2.04
C PHE A 278 -7.57 -19.62 -1.59
N LEU A 279 -6.45 -20.00 -2.20
CA LEU A 279 -5.67 -21.16 -1.80
C LEU A 279 -4.23 -20.80 -1.41
N GLU A 280 -4.03 -19.57 -0.94
CA GLU A 280 -2.72 -19.08 -0.57
C GLU A 280 -2.23 -19.76 0.71
N TYR A 281 -0.91 -19.83 0.86
CA TYR A 281 -0.26 -20.41 2.04
C TYR A 281 -0.71 -21.86 2.26
N ASN A 282 -0.36 -22.72 1.30
CA ASN A 282 -0.64 -24.14 1.40
C ASN A 282 0.62 -24.91 1.01
N ASN A 283 0.63 -26.21 1.33
CA ASN A 283 1.70 -27.10 0.87
C ASN A 283 1.20 -28.00 -0.26
N ILE A 284 1.03 -27.41 -1.44
CA ILE A 284 0.60 -28.17 -2.61
C ILE A 284 1.84 -28.65 -3.36
N GLN A 285 1.85 -29.94 -3.71
CA GLN A 285 3.03 -30.57 -4.28
C GLN A 285 2.81 -31.11 -5.68
N HIS A 286 1.58 -31.19 -6.16
CA HIS A 286 1.30 -31.66 -7.51
C HIS A 286 -0.05 -31.10 -7.94
N LEU A 287 -0.13 -30.67 -9.19
CA LEU A 287 -1.33 -30.02 -9.72
C LEU A 287 -1.73 -30.75 -11.00
N PHE A 288 -2.65 -31.71 -10.87
CA PHE A 288 -3.10 -32.50 -12.00
C PHE A 288 -3.93 -31.64 -12.96
N SER A 289 -4.13 -32.17 -14.17
CA SER A 289 -4.90 -31.43 -15.17
C SER A 289 -6.36 -31.30 -14.75
N HIS A 290 -6.93 -32.34 -14.18
CA HIS A 290 -8.34 -32.36 -13.80
C HIS A 290 -8.62 -31.74 -12.44
N SER A 291 -7.59 -31.33 -11.71
CA SER A 291 -7.79 -30.90 -10.32
C SER A 291 -8.72 -29.70 -10.24
N LEU A 292 -8.56 -28.74 -11.13
CA LEU A 292 -9.37 -27.52 -11.13
C LEU A 292 -10.61 -27.64 -12.00
N HIS A 293 -11.15 -28.86 -12.14
CA HIS A 293 -12.32 -29.07 -12.97
C HIS A 293 -13.53 -28.36 -12.37
N GLY A 294 -14.33 -27.73 -13.23
CA GLY A 294 -15.53 -27.05 -12.80
C GLY A 294 -15.35 -25.60 -12.42
N LEU A 295 -14.12 -25.13 -12.30
CA LEU A 295 -13.84 -23.75 -11.87
C LEU A 295 -13.92 -22.78 -13.05
N PHE A 296 -15.00 -22.83 -13.81
CA PHE A 296 -15.14 -21.93 -14.95
C PHE A 296 -15.60 -20.54 -14.55
N ASN A 297 -15.92 -20.33 -13.27
CA ASN A 297 -16.39 -19.04 -12.78
C ASN A 297 -15.42 -18.39 -11.81
N VAL A 298 -14.25 -18.98 -11.59
CA VAL A 298 -13.25 -18.39 -10.71
C VAL A 298 -12.58 -17.23 -11.44
N ARG A 299 -12.76 -16.02 -10.91
CA ARG A 299 -12.18 -14.82 -11.50
C ARG A 299 -10.82 -14.47 -10.90
N TYR A 300 -10.73 -14.42 -9.57
CA TYR A 300 -9.51 -14.10 -8.86
C TYR A 300 -8.94 -15.37 -8.26
N LEU A 301 -7.64 -15.58 -8.45
CA LEU A 301 -6.96 -16.75 -7.93
C LEU A 301 -5.75 -16.29 -7.12
N ASN A 302 -5.48 -16.97 -6.02
CA ASN A 302 -4.38 -16.61 -5.14
C ASN A 302 -3.57 -17.86 -4.86
N LEU A 303 -2.35 -17.91 -5.41
CA LEU A 303 -1.43 -19.03 -5.24
C LEU A 303 -0.05 -18.51 -4.86
N LYS A 304 0.00 -17.64 -3.84
CA LYS A 304 1.24 -16.94 -3.51
C LYS A 304 2.36 -17.90 -3.19
N ARG A 305 2.21 -18.68 -2.12
CA ARG A 305 3.23 -19.66 -1.78
C ARG A 305 2.60 -21.01 -1.49
N SER A 306 1.63 -21.40 -2.31
CA SER A 306 1.06 -22.73 -2.18
C SER A 306 2.02 -23.81 -2.65
N PHE A 307 2.70 -23.57 -3.77
CA PHE A 307 3.62 -24.56 -4.34
C PHE A 307 4.91 -24.52 -3.53
N THR A 308 4.96 -25.35 -2.50
CA THR A 308 6.09 -25.36 -1.58
C THR A 308 7.34 -25.89 -2.27
N LYS A 309 8.49 -25.40 -1.83
CA LYS A 309 9.79 -25.83 -2.37
C LYS A 309 9.97 -27.34 -2.25
N LEU A 317 10.33 -31.23 -6.52
CA LEU A 317 9.93 -30.05 -7.27
C LEU A 317 8.49 -30.16 -7.76
N PRO A 318 7.73 -29.07 -7.64
CA PRO A 318 6.35 -29.09 -8.14
C PRO A 318 6.32 -29.26 -9.64
N LYS A 319 5.25 -29.89 -10.13
CA LYS A 319 5.09 -30.19 -11.55
C LYS A 319 3.68 -29.79 -11.98
N ILE A 320 3.52 -28.56 -12.44
CA ILE A 320 2.29 -28.15 -13.08
C ILE A 320 2.15 -28.96 -14.37
N ASP A 321 1.15 -29.83 -14.41
CA ASP A 321 0.98 -30.71 -15.56
C ASP A 321 0.57 -29.91 -16.79
N ASP A 322 0.63 -30.57 -17.94
CA ASP A 322 0.25 -29.94 -19.19
C ASP A 322 -1.24 -29.66 -19.21
N PHE A 323 -1.61 -28.46 -19.67
CA PHE A 323 -3.01 -28.05 -19.79
C PHE A 323 -3.74 -28.16 -18.46
N SER A 324 -3.05 -27.82 -17.38
CA SER A 324 -3.66 -27.86 -16.05
C SER A 324 -4.45 -26.60 -15.73
N PHE A 325 -4.49 -25.63 -16.63
CA PHE A 325 -5.23 -24.40 -16.43
C PHE A 325 -6.25 -24.15 -17.53
N GLN A 326 -6.51 -25.14 -18.38
CA GLN A 326 -7.39 -24.93 -19.53
C GLN A 326 -8.83 -24.70 -19.11
N TRP A 327 -9.20 -25.03 -17.87
CA TRP A 327 -10.56 -24.82 -17.40
C TRP A 327 -10.74 -23.52 -16.64
N LEU A 328 -9.67 -22.76 -16.44
CA LEU A 328 -9.74 -21.45 -15.78
C LEU A 328 -9.99 -20.36 -16.81
N LYS A 329 -11.09 -20.54 -17.54
CA LYS A 329 -11.42 -19.62 -18.63
C LYS A 329 -11.67 -18.21 -18.11
N CYS A 330 -12.31 -18.08 -16.95
CA CYS A 330 -12.71 -16.79 -16.41
C CYS A 330 -11.70 -16.21 -15.42
N LEU A 331 -10.52 -16.80 -15.31
CA LEU A 331 -9.50 -16.24 -14.42
C LEU A 331 -9.01 -14.91 -14.95
N GLU A 332 -8.73 -13.98 -14.03
CA GLU A 332 -8.33 -12.62 -14.39
C GLU A 332 -7.07 -12.15 -13.70
N HIS A 333 -6.71 -12.69 -12.55
CA HIS A 333 -5.58 -12.19 -11.75
C HIS A 333 -4.89 -13.39 -11.10
N LEU A 334 -3.73 -13.76 -11.63
CA LEU A 334 -2.95 -14.85 -11.09
C LEU A 334 -1.87 -14.30 -10.17
N ASN A 335 -1.57 -15.04 -9.11
CA ASN A 335 -0.71 -14.54 -8.04
C ASN A 335 0.35 -15.57 -7.65
N MET A 336 1.04 -16.11 -8.64
CA MET A 336 2.11 -17.08 -8.40
C MET A 336 3.37 -16.33 -7.96
N GLU A 337 3.57 -16.18 -6.66
CA GLU A 337 4.59 -15.28 -6.13
C GLU A 337 5.73 -16.00 -5.45
N ASP A 338 5.49 -16.75 -4.38
CA ASP A 338 6.58 -17.34 -3.60
C ASP A 338 6.55 -18.85 -3.78
N ASN A 339 7.17 -19.30 -4.87
CA ASN A 339 7.13 -20.71 -5.23
C ASN A 339 8.49 -21.10 -5.77
N ASP A 340 8.76 -22.41 -5.76
CA ASP A 340 9.86 -22.99 -6.53
C ASP A 340 9.34 -23.68 -7.78
N ILE A 341 8.71 -22.93 -8.68
CA ILE A 341 8.22 -23.53 -9.91
C ILE A 341 9.41 -23.73 -10.86
N PRO A 342 9.69 -24.96 -11.30
CA PRO A 342 10.88 -25.25 -12.11
C PRO A 342 10.68 -25.04 -13.61
N GLY A 343 10.71 -23.78 -14.02
CA GLY A 343 10.65 -23.43 -15.43
C GLY A 343 9.24 -23.45 -15.96
N ILE A 344 9.10 -22.91 -17.17
CA ILE A 344 7.83 -22.87 -17.89
C ILE A 344 7.90 -23.88 -19.03
N LYS A 345 6.99 -24.84 -19.03
CA LYS A 345 6.91 -25.79 -20.12
C LYS A 345 6.15 -25.16 -21.30
N SER A 346 6.13 -25.89 -22.42
CA SER A 346 5.52 -25.35 -23.63
C SER A 346 4.00 -25.26 -23.54
N ASN A 347 3.39 -25.90 -22.54
CA ASN A 347 1.93 -25.94 -22.43
C ASN A 347 1.50 -25.72 -21.00
N MET A 348 2.09 -24.73 -20.33
CA MET A 348 1.73 -24.45 -18.93
C MET A 348 0.47 -23.60 -18.84
N PHE A 349 0.55 -22.37 -19.32
CA PHE A 349 -0.57 -21.43 -19.25
C PHE A 349 -1.40 -21.48 -20.54
N THR A 350 -1.90 -22.66 -20.84
CA THR A 350 -2.72 -22.87 -22.03
C THR A 350 -4.19 -22.81 -21.66
N GLY A 351 -4.93 -21.92 -22.31
CA GLY A 351 -6.34 -21.72 -22.04
C GLY A 351 -6.65 -20.44 -21.29
N LEU A 352 -5.65 -19.78 -20.72
CA LEU A 352 -5.86 -18.58 -19.92
C LEU A 352 -6.01 -17.38 -20.86
N ILE A 353 -7.17 -17.32 -21.52
CA ILE A 353 -7.44 -16.28 -22.50
C ILE A 353 -8.09 -15.07 -21.84
N ASN A 354 -8.15 -15.07 -20.50
CA ASN A 354 -8.72 -13.95 -19.77
C ASN A 354 -7.76 -13.41 -18.71
N LEU A 355 -6.50 -13.82 -18.72
CA LEU A 355 -5.52 -13.32 -17.77
C LEU A 355 -5.20 -11.85 -18.05
N LYS A 356 -4.92 -11.12 -16.97
CA LYS A 356 -4.54 -9.71 -17.09
C LYS A 356 -3.38 -9.32 -16.18
N TYR A 357 -2.94 -10.20 -15.28
CA TYR A 357 -1.91 -9.86 -14.31
C TYR A 357 -1.25 -11.16 -13.89
N LEU A 358 0.06 -11.27 -14.09
CA LEU A 358 0.75 -12.54 -13.89
C LEU A 358 1.53 -12.58 -12.58
N SER A 359 2.38 -11.60 -12.32
CA SER A 359 3.10 -11.47 -11.05
C SER A 359 3.95 -12.71 -10.76
N LEU A 360 4.98 -12.92 -11.59
CA LEU A 360 5.92 -14.02 -11.42
C LEU A 360 7.23 -13.45 -10.89
N SER A 361 7.30 -13.29 -9.56
CA SER A 361 8.49 -12.78 -8.90
C SER A 361 8.79 -13.66 -7.70
N ASN A 362 10.02 -14.17 -7.62
CA ASN A 362 10.42 -15.22 -6.70
C ASN A 362 9.70 -16.53 -6.96
N SER A 363 9.22 -16.75 -8.19
CA SER A 363 8.50 -17.97 -8.50
C SER A 363 9.44 -19.04 -9.04
N PHE A 364 10.35 -18.67 -9.93
CA PHE A 364 11.18 -19.64 -10.62
C PHE A 364 12.54 -19.79 -9.93
N THR A 365 13.17 -20.93 -10.21
CA THR A 365 14.55 -21.18 -9.79
C THR A 365 15.40 -21.68 -10.95
N SER A 366 14.88 -21.67 -12.17
CA SER A 366 15.61 -22.17 -13.33
C SER A 366 15.61 -21.20 -14.50
N LEU A 367 14.97 -20.04 -14.39
CA LEU A 367 14.94 -19.05 -15.47
C LEU A 367 16.24 -18.25 -15.46
N ARG A 368 17.33 -18.96 -15.76
CA ARG A 368 18.62 -18.31 -15.93
C ARG A 368 18.67 -17.57 -17.26
N THR A 369 18.07 -18.12 -18.30
CA THR A 369 18.04 -17.51 -19.62
C THR A 369 16.63 -17.51 -20.15
N LEU A 370 16.32 -16.52 -20.99
CA LEU A 370 15.03 -16.40 -21.66
C LEU A 370 15.24 -16.58 -23.15
N THR A 371 14.91 -17.76 -23.66
CA THR A 371 14.99 -18.05 -25.08
C THR A 371 13.64 -17.73 -25.73
N ASN A 372 13.59 -17.87 -27.06
CA ASN A 372 12.36 -17.56 -27.78
C ASN A 372 11.25 -18.52 -27.42
N GLU A 373 11.58 -19.79 -27.21
CA GLU A 373 10.60 -20.80 -26.83
C GLU A 373 10.56 -20.98 -25.31
N THR A 374 10.29 -19.89 -24.62
CA THR A 374 10.16 -19.93 -23.17
C THR A 374 8.85 -19.33 -22.67
N PHE A 375 8.38 -18.25 -23.29
CA PHE A 375 7.07 -17.68 -22.99
C PHE A 375 6.02 -18.11 -24.02
N VAL A 376 6.17 -19.31 -24.58
CA VAL A 376 5.35 -19.70 -25.72
C VAL A 376 3.89 -19.89 -25.32
N SER A 377 3.65 -20.41 -24.10
CA SER A 377 2.30 -20.76 -23.69
C SER A 377 1.37 -19.55 -23.58
N LEU A 378 1.93 -18.35 -23.48
CA LEU A 378 1.12 -17.13 -23.37
C LEU A 378 0.94 -16.43 -24.71
N ALA A 379 0.93 -17.21 -25.80
CA ALA A 379 0.75 -16.61 -27.12
C ALA A 379 -0.64 -15.99 -27.26
N HIS A 380 -1.67 -16.68 -26.81
CA HIS A 380 -3.05 -16.24 -26.96
C HIS A 380 -3.60 -15.54 -25.73
N SER A 381 -2.79 -15.40 -24.69
CA SER A 381 -3.26 -14.82 -23.43
C SER A 381 -3.04 -13.31 -23.42
N PRO A 382 -4.08 -12.52 -23.16
CA PRO A 382 -3.84 -11.13 -22.79
C PRO A 382 -2.99 -11.08 -21.52
N LEU A 383 -2.10 -10.09 -21.47
CA LEU A 383 -1.20 -9.97 -20.32
C LEU A 383 -0.75 -8.53 -20.24
N HIS A 384 -1.25 -7.81 -19.24
CA HIS A 384 -0.93 -6.39 -19.09
C HIS A 384 0.27 -6.14 -18.17
N ILE A 385 0.52 -7.01 -17.20
CA ILE A 385 1.60 -6.86 -16.26
C ILE A 385 2.39 -8.16 -16.22
N LEU A 386 3.72 -8.04 -16.21
CA LEU A 386 4.62 -9.18 -16.09
C LEU A 386 5.70 -8.77 -15.10
N ASN A 387 5.55 -9.17 -13.84
CA ASN A 387 6.43 -8.65 -12.81
C ASN A 387 7.88 -9.05 -13.05
N LEU A 388 8.20 -10.33 -12.90
CA LEU A 388 9.54 -10.86 -13.19
C LEU A 388 10.64 -10.10 -12.45
N THR A 389 10.61 -10.18 -11.12
CA THR A 389 11.74 -9.74 -10.30
C THR A 389 12.28 -10.92 -9.52
N LYS A 390 13.56 -10.82 -9.15
CA LYS A 390 14.24 -11.83 -8.34
C LYS A 390 14.11 -13.22 -8.95
N ASN A 391 14.23 -13.28 -10.27
CA ASN A 391 14.17 -14.54 -11.01
C ASN A 391 15.55 -15.03 -11.44
N LYS A 392 16.61 -14.31 -11.08
CA LYS A 392 17.99 -14.74 -11.35
C LYS A 392 18.23 -14.93 -12.84
N ILE A 393 17.68 -14.02 -13.66
CA ILE A 393 17.91 -14.09 -15.10
C ILE A 393 19.35 -13.69 -15.39
N SER A 394 20.07 -14.56 -16.11
CA SER A 394 21.46 -14.29 -16.45
C SER A 394 21.61 -13.49 -17.73
N LYS A 395 20.81 -13.79 -18.75
CA LYS A 395 20.95 -13.13 -20.03
C LYS A 395 19.69 -13.38 -20.85
N ILE A 396 19.20 -12.32 -21.48
CA ILE A 396 18.02 -12.40 -22.36
C ILE A 396 18.50 -12.71 -23.76
N GLU A 397 18.09 -13.86 -24.29
CA GLU A 397 18.43 -14.23 -25.66
C GLU A 397 17.48 -13.54 -26.63
N SER A 398 17.69 -13.78 -27.93
CA SER A 398 16.94 -13.08 -28.95
C SER A 398 15.48 -13.52 -28.96
N ASP A 399 14.59 -12.55 -29.12
CA ASP A 399 13.15 -12.80 -29.34
C ASP A 399 12.52 -13.58 -28.19
N ALA A 400 12.89 -13.25 -26.97
CA ALA A 400 12.32 -13.90 -25.80
C ALA A 400 10.95 -13.34 -25.42
N PHE A 401 10.56 -12.20 -25.99
CA PHE A 401 9.26 -11.59 -25.69
C PHE A 401 8.41 -11.42 -26.94
N SER A 402 8.69 -12.20 -27.99
CA SER A 402 7.92 -12.11 -29.23
C SER A 402 6.45 -12.45 -29.01
N TRP A 403 6.14 -13.25 -28.00
CA TRP A 403 4.78 -13.70 -27.75
C TRP A 403 3.97 -12.72 -26.91
N LEU A 404 4.58 -11.63 -26.46
CA LEU A 404 3.93 -10.67 -25.56
C LEU A 404 3.71 -9.37 -26.32
N GLY A 405 2.46 -9.14 -26.74
CA GLY A 405 2.13 -7.96 -27.51
C GLY A 405 1.28 -6.98 -26.74
N HIS A 406 0.54 -7.48 -25.75
CA HIS A 406 -0.29 -6.63 -24.91
C HIS A 406 0.42 -6.20 -23.62
N LEU A 407 1.68 -6.58 -23.45
CA LEU A 407 2.39 -6.29 -22.22
C LEU A 407 2.62 -4.80 -22.07
N GLU A 408 2.45 -4.30 -20.85
CA GLU A 408 2.59 -2.88 -20.56
C GLU A 408 3.64 -2.57 -19.51
N VAL A 409 4.01 -3.51 -18.65
CA VAL A 409 5.05 -3.30 -17.65
C VAL A 409 5.98 -4.50 -17.66
N LEU A 410 7.27 -4.24 -17.83
CA LEU A 410 8.32 -5.26 -17.82
C LEU A 410 9.25 -4.92 -16.67
N ASP A 411 8.96 -5.47 -15.50
CA ASP A 411 9.62 -5.03 -14.27
C ASP A 411 10.78 -5.97 -13.94
N LEU A 412 11.82 -5.91 -14.78
CA LEU A 412 12.91 -6.88 -14.75
C LEU A 412 13.97 -6.59 -13.70
N GLY A 413 13.66 -5.83 -12.66
CA GLY A 413 14.65 -5.49 -11.67
C GLY A 413 14.99 -6.66 -10.76
N LEU A 414 15.96 -6.40 -9.88
CA LEU A 414 16.42 -7.38 -8.88
C LEU A 414 16.91 -8.67 -9.54
N ASN A 415 17.52 -8.53 -10.70
CA ASN A 415 17.99 -9.67 -11.48
C ASN A 415 19.51 -9.64 -11.58
N GLU A 416 20.05 -10.60 -12.33
CA GLU A 416 21.49 -10.74 -12.56
C GLU A 416 21.81 -10.62 -14.04
N ILE A 417 21.15 -9.68 -14.72
CA ILE A 417 21.29 -9.54 -16.16
C ILE A 417 22.64 -8.90 -16.48
N GLY A 418 23.61 -9.72 -16.85
CA GLY A 418 24.87 -9.21 -17.38
C GLY A 418 25.05 -9.59 -18.83
N GLN A 419 24.92 -8.60 -19.73
CA GLN A 419 25.08 -8.85 -21.16
C GLN A 419 25.33 -7.53 -21.86
N GLU A 420 25.79 -7.64 -23.10
CA GLU A 420 25.95 -6.49 -23.99
C GLU A 420 24.71 -6.39 -24.86
N LEU A 421 23.86 -5.41 -24.58
CA LEU A 421 22.65 -5.22 -25.36
C LEU A 421 22.97 -4.87 -26.80
N THR A 422 22.12 -5.33 -27.71
CA THR A 422 22.24 -5.07 -29.14
C THR A 422 20.96 -4.51 -29.74
N GLY A 423 19.80 -4.84 -29.16
CA GLY A 423 18.52 -4.42 -29.68
C GLY A 423 17.61 -5.55 -30.09
N GLN A 424 18.12 -6.78 -30.20
CA GLN A 424 17.34 -7.93 -30.64
C GLN A 424 16.54 -8.57 -29.52
N GLU A 425 16.71 -8.13 -28.28
CA GLU A 425 15.95 -8.65 -27.16
C GLU A 425 14.59 -8.00 -27.00
N TRP A 426 14.34 -6.89 -27.70
CA TRP A 426 13.07 -6.16 -27.58
C TRP A 426 12.20 -6.32 -28.82
N ARG A 427 12.51 -7.26 -29.69
CA ARG A 427 11.71 -7.44 -30.90
C ARG A 427 10.26 -7.74 -30.53
N GLY A 428 9.34 -7.02 -31.16
CA GLY A 428 7.98 -6.99 -30.68
C GLY A 428 7.84 -5.93 -29.60
N LEU A 429 7.09 -6.23 -28.54
CA LEU A 429 6.88 -5.31 -27.42
C LEU A 429 6.43 -3.94 -27.94
N GLU A 430 5.35 -3.95 -28.71
CA GLU A 430 4.85 -2.71 -29.31
C GLU A 430 4.12 -1.83 -28.31
N ASN A 431 3.82 -2.34 -27.12
CA ASN A 431 3.06 -1.59 -26.12
C ASN A 431 3.82 -1.47 -24.80
N ILE A 432 5.15 -1.45 -24.86
CA ILE A 432 5.94 -1.33 -23.66
C ILE A 432 5.79 0.08 -23.08
N PHE A 433 5.49 0.15 -21.78
CA PHE A 433 5.39 1.41 -21.06
C PHE A 433 6.42 1.59 -19.97
N GLU A 434 7.12 0.53 -19.58
CA GLU A 434 8.03 0.58 -18.45
C GLU A 434 9.02 -0.56 -18.56
N ILE A 435 10.31 -0.26 -18.40
CA ILE A 435 11.36 -1.27 -18.37
C ILE A 435 12.18 -1.04 -17.10
N TYR A 436 11.81 -1.72 -16.03
CA TYR A 436 12.50 -1.58 -14.75
C TYR A 436 13.75 -2.46 -14.80
N LEU A 437 14.90 -1.85 -15.06
CA LEU A 437 16.15 -2.58 -15.20
C LEU A 437 17.12 -2.26 -14.07
N SER A 438 16.60 -1.82 -12.93
CA SER A 438 17.46 -1.48 -11.80
C SER A 438 18.12 -2.72 -11.21
N TYR A 439 19.25 -2.50 -10.53
CA TYR A 439 19.96 -3.53 -9.78
C TYR A 439 20.40 -4.69 -10.69
N ASN A 440 21.21 -4.34 -11.68
CA ASN A 440 21.78 -5.32 -12.61
C ASN A 440 23.30 -5.30 -12.52
N LYS A 441 23.93 -6.32 -13.09
CA LYS A 441 25.36 -6.48 -12.97
C LYS A 441 26.11 -5.52 -13.88
N TYR A 442 25.93 -5.66 -15.19
CA TYR A 442 26.55 -4.73 -16.14
C TYR A 442 25.79 -4.81 -17.45
N LEU A 443 25.51 -3.64 -18.03
CA LEU A 443 24.72 -3.52 -19.25
C LEU A 443 25.45 -2.54 -20.17
N GLN A 444 26.34 -3.07 -21.00
CA GLN A 444 26.97 -2.26 -22.04
C GLN A 444 25.98 -2.05 -23.19
N LEU A 445 26.04 -0.87 -23.79
CA LEU A 445 25.07 -0.47 -24.79
C LEU A 445 25.71 -0.35 -26.17
N THR A 446 24.84 -0.21 -27.17
CA THR A 446 25.20 0.17 -28.52
C THR A 446 24.28 1.30 -28.95
N ARG A 447 24.60 1.90 -30.10
CA ARG A 447 23.78 2.98 -30.61
C ARG A 447 22.39 2.53 -31.00
N ASN A 448 22.21 1.23 -31.30
CA ASN A 448 20.92 0.67 -31.69
C ASN A 448 20.32 -0.20 -30.61
N SER A 449 20.73 -0.01 -29.36
CA SER A 449 20.26 -0.85 -28.26
C SER A 449 18.80 -0.59 -27.90
N PHE A 450 18.19 0.47 -28.41
CA PHE A 450 16.81 0.78 -28.08
C PHE A 450 16.00 1.22 -29.28
N ALA A 451 16.40 0.84 -30.50
CA ALA A 451 15.69 1.27 -31.69
C ALA A 451 14.38 0.52 -31.89
N LEU A 452 14.19 -0.62 -31.24
CA LEU A 452 12.98 -1.41 -31.38
C LEU A 452 11.93 -1.07 -30.33
N VAL A 453 12.21 -0.13 -29.43
CA VAL A 453 11.23 0.28 -28.42
C VAL A 453 11.10 1.80 -28.36
N PRO A 454 10.60 2.46 -29.41
CA PRO A 454 10.32 3.90 -29.33
C PRO A 454 9.03 4.25 -28.61
N SER A 455 8.36 3.28 -27.99
CA SER A 455 7.16 3.52 -27.20
C SER A 455 7.44 3.54 -25.71
N LEU A 456 8.71 3.53 -25.32
CA LEU A 456 9.09 3.46 -23.92
C LEU A 456 8.73 4.75 -23.20
N GLN A 457 8.51 4.64 -21.89
CA GLN A 457 8.12 5.79 -21.07
C GLN A 457 8.90 5.94 -19.76
N ARG A 458 9.49 4.89 -19.22
CA ARG A 458 10.16 4.95 -17.92
C ARG A 458 11.34 3.99 -17.95
N LEU A 459 12.53 4.52 -18.22
CA LEU A 459 13.75 3.72 -18.31
C LEU A 459 14.52 3.87 -17.00
N MET A 460 14.28 2.96 -16.06
CA MET A 460 15.00 2.92 -14.80
C MET A 460 16.29 2.15 -14.98
N LEU A 461 17.42 2.81 -14.74
CA LEU A 461 18.74 2.20 -14.91
C LEU A 461 19.65 2.53 -13.73
N ARG A 462 19.13 2.37 -12.52
CA ARG A 462 19.94 2.55 -11.33
C ARG A 462 20.77 1.32 -11.04
N ARG A 463 21.95 1.54 -10.46
CA ARG A 463 22.86 0.47 -10.04
C ARG A 463 23.15 -0.48 -11.21
N VAL A 464 23.33 0.10 -12.39
CA VAL A 464 23.64 -0.65 -13.60
C VAL A 464 24.85 0.02 -14.24
N ALA A 465 26.01 -0.62 -14.12
CA ALA A 465 27.21 -0.08 -14.74
C ALA A 465 26.96 0.07 -16.23
N LEU A 466 26.84 1.31 -16.69
CA LEU A 466 26.37 1.62 -18.04
C LEU A 466 27.54 2.14 -18.85
N LYS A 467 28.09 1.30 -19.73
CA LYS A 467 29.17 1.70 -20.61
C LYS A 467 28.60 2.30 -21.90
N ASN A 468 29.49 2.71 -22.80
CA ASN A 468 29.13 3.20 -24.13
C ASN A 468 28.11 4.34 -24.05
N VAL A 469 28.33 5.26 -23.12
CA VAL A 469 27.46 6.42 -23.01
C VAL A 469 28.01 7.61 -23.80
N ASP A 470 29.29 7.60 -24.12
CA ASP A 470 29.94 8.68 -24.85
C ASP A 470 30.44 8.30 -26.23
N SER A 471 30.97 7.07 -26.39
CA SER A 471 31.56 6.68 -27.67
C SER A 471 30.54 6.68 -28.79
N SER A 472 29.36 6.11 -28.53
CA SER A 472 28.30 6.12 -29.52
C SER A 472 27.73 7.52 -29.67
N PRO A 473 27.00 7.80 -30.75
CA PRO A 473 26.30 9.08 -30.86
C PRO A 473 25.43 9.35 -29.63
N SER A 474 24.46 8.48 -29.40
CA SER A 474 23.70 8.45 -28.14
C SER A 474 22.92 7.15 -28.05
N PRO A 475 23.06 6.39 -26.97
CA PRO A 475 22.17 5.24 -26.79
C PRO A 475 20.71 5.63 -26.60
N PHE A 476 20.46 6.87 -26.16
CA PHE A 476 19.12 7.32 -25.82
C PHE A 476 18.49 8.16 -26.92
N GLN A 477 19.13 8.27 -28.08
CA GLN A 477 18.54 9.01 -29.20
C GLN A 477 17.21 8.43 -29.66
N PRO A 478 17.05 7.12 -29.86
CA PRO A 478 15.77 6.62 -30.37
C PRO A 478 14.60 6.89 -29.44
N LEU A 479 14.84 6.95 -28.13
CA LEU A 479 13.75 7.18 -27.18
C LEU A 479 13.28 8.63 -27.29
N ARG A 480 11.98 8.81 -27.53
CA ARG A 480 11.41 10.13 -27.70
C ARG A 480 10.22 10.40 -26.79
N ASN A 481 9.60 9.36 -26.22
CA ASN A 481 8.51 9.52 -25.27
C ASN A 481 8.94 9.16 -23.86
N LEU A 482 10.19 9.44 -23.51
CA LEU A 482 10.71 9.10 -22.20
C LEU A 482 10.37 10.18 -21.19
N THR A 483 9.76 9.79 -20.08
CA THR A 483 9.44 10.69 -18.98
C THR A 483 10.46 10.65 -17.86
N ILE A 484 10.95 9.46 -17.52
CA ILE A 484 11.92 9.29 -16.45
C ILE A 484 13.17 8.63 -17.02
N LEU A 485 14.33 9.20 -16.73
CA LEU A 485 15.62 8.59 -17.05
C LEU A 485 16.44 8.59 -15.77
N ASP A 486 16.32 7.51 -15.00
CA ASP A 486 17.03 7.35 -13.74
C ASP A 486 18.41 6.77 -14.01
N LEU A 487 19.46 7.49 -13.62
CA LEU A 487 20.85 7.03 -13.76
C LEU A 487 21.59 7.36 -12.46
N SER A 488 21.68 6.37 -11.58
CA SER A 488 22.37 6.52 -10.31
C SER A 488 23.14 5.24 -10.00
N ASN A 489 24.14 5.37 -9.12
CA ASN A 489 24.97 4.25 -8.70
C ASN A 489 25.64 3.55 -9.88
N ASN A 490 26.08 4.35 -10.86
CA ASN A 490 26.73 3.83 -12.04
C ASN A 490 28.16 4.33 -12.23
N ASN A 491 28.58 5.34 -11.48
CA ASN A 491 29.94 5.88 -11.54
C ASN A 491 30.29 6.39 -12.94
N ILE A 492 29.28 6.82 -13.69
CA ILE A 492 29.54 7.41 -15.00
C ILE A 492 30.49 8.58 -14.84
N ALA A 493 31.61 8.53 -15.55
CA ALA A 493 32.66 9.54 -15.40
C ALA A 493 32.93 10.30 -16.69
N ASN A 494 32.09 10.18 -17.70
CA ASN A 494 32.29 10.89 -18.95
C ASN A 494 30.96 10.97 -19.69
N ILE A 495 30.67 12.15 -20.23
CA ILE A 495 29.43 12.42 -20.94
C ILE A 495 29.75 13.30 -22.13
N ASN A 496 29.11 13.02 -23.26
CA ASN A 496 29.24 13.88 -24.43
C ASN A 496 28.11 14.90 -24.47
N ASP A 497 28.30 15.94 -25.27
CA ASP A 497 27.34 17.03 -25.38
C ASP A 497 26.05 16.60 -26.07
N ASP A 498 25.90 15.32 -26.41
CA ASP A 498 24.67 14.82 -27.03
C ASP A 498 24.15 13.58 -26.33
N MET A 499 24.59 13.32 -25.09
CA MET A 499 24.01 12.23 -24.31
C MET A 499 22.52 12.42 -24.14
N LEU A 500 22.11 13.60 -23.65
CA LEU A 500 20.71 13.92 -23.45
C LEU A 500 20.30 14.92 -24.53
N GLU A 501 19.95 14.39 -25.69
CA GLU A 501 19.60 15.20 -26.84
C GLU A 501 18.29 14.71 -27.43
N GLY A 502 17.45 15.64 -27.88
CA GLY A 502 16.16 15.31 -28.41
C GLY A 502 15.13 14.90 -27.38
N LEU A 503 15.55 14.58 -26.17
CA LEU A 503 14.62 14.20 -25.11
C LEU A 503 14.04 15.48 -24.53
N GLU A 504 12.78 15.77 -24.86
CA GLU A 504 12.17 17.04 -24.49
C GLU A 504 11.14 16.90 -23.37
N LYS A 505 10.34 15.82 -23.36
CA LYS A 505 9.36 15.64 -22.29
C LYS A 505 9.91 14.77 -21.16
N LEU A 506 11.23 14.64 -21.08
CA LEU A 506 11.86 14.07 -19.89
C LEU A 506 11.58 14.95 -18.69
N GLU A 507 11.20 14.32 -17.57
CA GLU A 507 10.80 15.05 -16.38
C GLU A 507 11.66 14.80 -15.15
N ILE A 508 12.46 13.74 -15.13
CA ILE A 508 13.33 13.43 -14.01
C ILE A 508 14.69 13.01 -14.55
N LEU A 509 15.75 13.50 -13.91
CA LEU A 509 17.13 13.28 -14.34
C LEU A 509 18.00 12.90 -13.16
N ASP A 510 17.58 11.92 -12.38
CA ASP A 510 18.31 11.52 -11.19
C ASP A 510 19.74 11.12 -11.54
N LEU A 511 20.71 11.72 -10.84
CA LEU A 511 22.13 11.46 -11.05
C LEU A 511 22.83 11.68 -9.71
N GLN A 512 23.06 10.60 -8.96
CA GLN A 512 23.50 10.73 -7.58
C GLN A 512 24.91 10.19 -7.33
N HIS A 513 25.15 8.90 -7.53
CA HIS A 513 26.46 8.34 -7.23
C HIS A 513 27.30 8.28 -8.51
N ASN A 514 27.63 9.47 -9.00
CA ASN A 514 28.29 9.66 -10.27
C ASN A 514 29.50 10.55 -10.10
N ASN A 515 30.60 10.18 -10.75
CA ASN A 515 31.86 10.91 -10.61
C ASN A 515 32.05 11.84 -11.82
N LEU A 516 31.16 12.82 -11.90
CA LEU A 516 31.26 13.87 -12.90
C LEU A 516 32.06 15.07 -12.41
N ALA A 517 32.67 14.97 -11.22
CA ALA A 517 33.38 16.11 -10.65
C ALA A 517 34.46 16.64 -11.57
N ARG A 518 35.05 15.77 -12.40
CA ARG A 518 36.16 16.18 -13.24
C ARG A 518 35.72 17.01 -14.43
N LEU A 519 34.48 16.85 -14.89
CA LEU A 519 34.07 17.42 -16.17
C LEU A 519 33.32 18.73 -16.04
N TRP A 520 33.12 19.24 -14.83
CA TRP A 520 32.68 20.62 -14.63
C TRP A 520 33.79 21.50 -14.07
N LYS A 521 35.05 21.15 -14.33
CA LYS A 521 36.17 22.02 -13.98
C LYS A 521 36.29 23.09 -15.06
N HIS A 522 37.36 23.88 -14.98
CA HIS A 522 37.66 24.87 -16.00
C HIS A 522 38.88 24.54 -16.83
N ALA A 523 39.76 23.65 -16.36
CA ALA A 523 40.98 23.31 -17.05
C ALA A 523 40.83 22.09 -17.97
N ASN A 524 39.65 21.47 -18.02
CA ASN A 524 39.45 20.35 -18.91
C ASN A 524 39.57 20.79 -20.37
N PRO A 525 40.08 19.93 -21.24
CA PRO A 525 40.25 20.30 -22.65
C PRO A 525 38.89 20.48 -23.32
N GLY A 526 38.69 21.65 -23.93
CA GLY A 526 37.47 21.95 -24.65
C GLY A 526 36.46 22.77 -23.90
N GLY A 527 36.62 22.94 -22.59
CA GLY A 527 35.66 23.67 -21.81
C GLY A 527 34.72 22.74 -21.05
N PRO A 528 34.01 23.28 -20.06
CA PRO A 528 33.10 22.45 -19.27
C PRO A 528 31.99 21.87 -20.12
N ILE A 529 31.54 20.68 -19.75
CA ILE A 529 30.58 19.94 -20.57
C ILE A 529 29.19 20.53 -20.35
N TYR A 530 28.56 20.95 -21.45
CA TYR A 530 27.21 21.51 -21.42
C TYR A 530 26.23 20.43 -21.85
N PHE A 531 25.95 19.50 -20.93
CA PHE A 531 25.11 18.36 -21.27
C PHE A 531 23.67 18.51 -20.83
N LEU A 532 23.37 19.35 -19.85
CA LEU A 532 21.99 19.66 -19.50
C LEU A 532 21.45 20.74 -20.43
N LYS A 533 21.43 20.42 -21.72
CA LYS A 533 21.11 21.38 -22.76
C LYS A 533 19.82 21.01 -23.46
N GLY A 534 19.01 22.02 -23.78
CA GLY A 534 17.82 21.84 -24.58
C GLY A 534 16.58 21.41 -23.81
N LEU A 535 16.74 20.81 -22.65
CA LEU A 535 15.59 20.30 -21.90
C LEU A 535 14.68 21.44 -21.46
N SER A 536 13.38 21.17 -21.48
CA SER A 536 12.36 22.15 -21.12
C SER A 536 11.49 21.72 -19.95
N HIS A 537 11.04 20.46 -19.93
CA HIS A 537 10.17 19.96 -18.88
C HIS A 537 10.92 19.14 -17.83
N LEU A 538 12.15 19.52 -17.52
CA LEU A 538 12.91 18.85 -16.47
C LEU A 538 12.45 19.40 -15.13
N HIS A 539 11.43 18.77 -14.55
CA HIS A 539 10.88 19.22 -13.28
C HIS A 539 11.87 19.02 -12.14
N ILE A 540 12.57 17.89 -12.14
CA ILE A 540 13.49 17.54 -11.06
C ILE A 540 14.85 17.22 -11.67
N LEU A 541 15.90 17.83 -11.16
CA LEU A 541 17.28 17.58 -11.56
C LEU A 541 18.08 17.31 -10.29
N ASN A 542 18.14 16.05 -9.89
CA ASN A 542 18.79 15.65 -8.64
C ASN A 542 20.27 15.36 -8.91
N LEU A 543 21.04 16.44 -9.11
CA LEU A 543 22.49 16.35 -9.22
C LEU A 543 23.09 16.51 -7.83
N GLU A 544 23.50 15.41 -7.21
CA GLU A 544 24.06 15.47 -5.87
C GLU A 544 25.09 14.37 -5.71
N SER A 545 25.91 14.51 -4.67
CA SER A 545 26.95 13.53 -4.32
C SER A 545 27.90 13.26 -5.48
N ASN A 546 28.31 14.32 -6.16
CA ASN A 546 29.27 14.20 -7.26
C ASN A 546 30.59 14.88 -6.99
N GLY A 547 30.58 16.15 -6.58
CA GLY A 547 31.81 16.85 -6.28
C GLY A 547 32.12 17.99 -7.22
N PHE A 548 31.08 18.65 -7.73
CA PHE A 548 31.25 19.80 -8.62
C PHE A 548 31.70 21.00 -7.80
N ASP A 549 33.00 21.25 -7.74
CA ASP A 549 33.48 22.47 -7.11
C ASP A 549 33.62 23.59 -8.14
N GLU A 550 32.58 23.75 -8.95
CA GLU A 550 32.46 24.82 -9.94
C GLU A 550 31.12 24.66 -10.65
N ILE A 551 30.55 25.76 -11.15
CA ILE A 551 29.36 25.67 -11.99
C ILE A 551 29.53 26.58 -13.19
N PRO A 552 29.25 26.10 -14.40
CA PRO A 552 29.37 26.96 -15.58
C PRO A 552 28.42 28.14 -15.50
N VAL A 553 28.80 29.23 -16.17
CA VAL A 553 28.08 30.49 -16.03
C VAL A 553 26.65 30.35 -16.51
N GLU A 554 26.46 29.71 -17.67
CA GLU A 554 25.15 29.61 -18.30
C GLU A 554 24.82 28.16 -18.63
N VAL A 555 25.11 27.26 -17.70
CA VAL A 555 24.74 25.86 -17.91
C VAL A 555 23.24 25.66 -17.76
N PHE A 556 22.58 26.46 -16.91
CA PHE A 556 21.18 26.26 -16.55
C PHE A 556 20.24 27.11 -17.38
N LYS A 557 20.59 27.41 -18.63
CA LYS A 557 19.77 28.29 -19.44
C LYS A 557 18.45 27.65 -19.83
N ASP A 558 18.50 26.40 -20.30
CA ASP A 558 17.30 25.79 -20.88
C ASP A 558 16.26 25.44 -19.84
N LEU A 559 16.69 25.15 -18.61
CA LEU A 559 15.78 24.68 -17.57
C LEU A 559 14.95 25.85 -17.05
N PHE A 560 13.69 25.92 -17.47
CA PHE A 560 12.78 27.00 -17.10
C PHE A 560 11.66 26.56 -16.19
N GLU A 561 11.10 25.37 -16.41
CA GLU A 561 10.06 24.82 -15.55
C GLU A 561 10.64 23.94 -14.45
N LEU A 562 11.85 24.25 -14.01
CA LEU A 562 12.53 23.48 -12.99
C LEU A 562 12.01 23.83 -11.62
N LYS A 563 11.71 22.82 -10.81
CA LYS A 563 11.16 23.01 -9.48
C LYS A 563 12.02 22.44 -8.37
N ILE A 564 12.89 21.48 -8.66
CA ILE A 564 13.79 20.91 -7.68
C ILE A 564 15.19 20.82 -8.29
N ILE A 565 16.15 21.46 -7.64
CA ILE A 565 17.53 21.49 -8.09
C ILE A 565 18.43 20.92 -6.99
N ASP A 566 17.93 19.91 -6.28
CA ASP A 566 18.65 19.30 -5.17
C ASP A 566 20.11 19.04 -5.55
N LEU A 567 21.01 19.74 -4.86
CA LEU A 567 22.43 19.70 -5.19
C LEU A 567 23.20 19.76 -3.88
N GLY A 568 23.49 18.58 -3.31
CA GLY A 568 24.17 18.55 -2.01
C GLY A 568 25.29 17.51 -2.00
N LEU A 569 25.95 17.34 -0.85
CA LEU A 569 27.09 16.40 -0.76
C LEU A 569 28.08 16.76 -1.88
N ASN A 570 28.34 18.06 -2.07
CA ASN A 570 29.25 18.50 -3.17
C ASN A 570 30.24 19.53 -2.62
N ASN A 571 31.53 19.32 -2.88
CA ASN A 571 32.57 20.25 -2.45
C ASN A 571 32.38 21.63 -3.11
N LEU A 572 31.15 21.93 -3.49
CA LEU A 572 30.88 23.13 -4.26
C LEU A 572 31.04 24.38 -3.40
N ASN A 573 31.60 25.44 -3.99
CA ASN A 573 31.92 26.64 -3.24
C ASN A 573 31.93 27.85 -4.16
N THR A 574 31.60 29.01 -3.59
CA THR A 574 31.76 30.30 -4.25
C THR A 574 31.05 30.33 -5.61
N LEU A 575 29.72 30.32 -5.53
CA LEU A 575 28.91 30.23 -6.73
C LEU A 575 29.20 31.43 -7.64
N PRO A 576 29.16 31.24 -8.95
CA PRO A 576 29.28 32.40 -9.86
C PRO A 576 28.03 33.26 -9.84
N ALA A 577 28.00 34.29 -10.67
CA ALA A 577 26.86 35.19 -10.75
C ALA A 577 25.89 34.75 -11.82
N SER A 578 24.62 35.13 -11.64
CA SER A 578 23.55 34.82 -12.59
C SER A 578 23.40 33.32 -12.81
N VAL A 579 23.80 32.53 -11.81
CA VAL A 579 23.65 31.08 -11.93
C VAL A 579 22.19 30.66 -11.89
N PHE A 580 21.39 31.30 -11.06
CA PHE A 580 19.94 31.07 -11.00
C PHE A 580 19.19 32.29 -11.55
N ASN A 581 19.73 32.90 -12.59
CA ASN A 581 19.16 34.14 -13.10
C ASN A 581 17.79 33.92 -13.74
N ASN A 582 17.63 32.80 -14.45
CA ASN A 582 16.45 32.61 -15.27
C ASN A 582 15.48 31.55 -14.76
N GLN A 583 15.90 30.69 -13.84
CA GLN A 583 14.95 29.77 -13.22
C GLN A 583 13.92 30.56 -12.42
N VAL A 584 12.64 30.25 -12.65
CA VAL A 584 11.53 31.06 -12.13
C VAL A 584 10.72 30.30 -11.09
N SER A 585 10.15 29.16 -11.45
CA SER A 585 9.29 28.39 -10.55
C SER A 585 10.12 27.48 -9.65
N LEU A 586 11.08 28.07 -8.95
CA LEU A 586 12.05 27.30 -8.19
C LEU A 586 11.49 27.12 -6.78
N LYS A 587 10.70 26.07 -6.60
CA LYS A 587 10.04 25.77 -5.33
C LYS A 587 10.89 24.90 -4.43
N SER A 588 12.20 24.83 -4.67
CA SER A 588 13.12 24.10 -3.81
C SER A 588 14.54 24.41 -4.27
N LEU A 589 15.46 24.46 -3.31
CA LEU A 589 16.86 24.72 -3.63
C LEU A 589 17.68 24.15 -2.48
N ASN A 590 18.27 22.98 -2.69
CA ASN A 590 18.91 22.21 -1.64
C ASN A 590 20.42 22.25 -1.86
N LEU A 591 21.16 22.74 -0.86
CA LEU A 591 22.61 22.80 -0.91
C LEU A 591 23.20 22.29 0.40
N GLN A 592 22.72 21.15 0.87
CA GLN A 592 23.27 20.54 2.07
C GLN A 592 24.72 20.13 1.85
N LYS A 593 25.57 20.46 2.82
CA LYS A 593 26.97 20.01 2.86
C LYS A 593 27.74 20.45 1.62
N ASN A 594 27.88 21.77 1.47
CA ASN A 594 28.70 22.29 0.35
C ASN A 594 29.94 22.97 0.95
N LEU A 595 30.55 23.91 0.23
CA LEU A 595 31.71 24.66 0.77
C LEU A 595 31.43 26.15 0.59
N ILE A 596 30.16 26.53 0.55
CA ILE A 596 29.78 27.95 0.30
C ILE A 596 30.16 28.80 1.51
N THR A 597 30.88 29.90 1.28
CA THR A 597 31.23 30.83 2.34
C THR A 597 30.56 32.19 2.22
N SER A 598 30.03 32.55 1.05
CA SER A 598 29.44 33.86 0.84
C SER A 598 28.10 33.72 0.14
N VAL A 599 27.09 34.39 0.66
CA VAL A 599 25.76 34.42 0.05
C VAL A 599 25.33 35.88 -0.11
N GLU A 600 24.81 36.22 -1.29
CA GLU A 600 24.41 37.60 -1.56
C GLU A 600 23.42 37.60 -2.72
N LYS A 601 23.09 38.82 -3.18
CA LYS A 601 21.92 39.01 -4.06
C LYS A 601 22.10 38.38 -5.43
N LYS A 602 23.33 38.22 -5.91
CA LYS A 602 23.55 37.54 -7.18
C LYS A 602 23.82 36.05 -7.04
N VAL A 603 24.44 35.65 -5.93
CA VAL A 603 24.75 34.24 -5.69
C VAL A 603 23.47 33.44 -5.46
N PHE A 604 22.58 33.95 -4.59
CA PHE A 604 21.37 33.22 -4.25
C PHE A 604 20.13 34.12 -4.21
N GLY A 605 20.19 35.30 -4.82
CA GLY A 605 19.11 36.26 -4.74
C GLY A 605 17.86 35.85 -5.49
N PRO A 606 17.94 35.77 -6.82
CA PRO A 606 16.73 35.48 -7.60
C PRO A 606 16.10 34.14 -7.29
N ALA A 607 16.84 33.25 -6.63
CA ALA A 607 16.25 31.98 -6.21
C ALA A 607 15.27 32.16 -5.06
N PHE A 608 15.49 33.16 -4.21
CA PHE A 608 14.71 33.35 -2.99
C PHE A 608 13.55 34.32 -3.22
N ARG A 609 12.67 33.98 -4.17
CA ARG A 609 11.54 34.84 -4.47
C ARG A 609 10.21 34.16 -4.18
N ASN A 610 9.94 33.00 -4.80
CA ASN A 610 8.75 32.22 -4.51
C ASN A 610 9.12 30.89 -3.86
N LEU A 611 10.26 30.86 -3.19
CA LEU A 611 10.78 29.64 -2.61
C LEU A 611 9.90 29.15 -1.47
N THR A 612 9.79 27.83 -1.35
CA THR A 612 9.05 27.19 -0.29
C THR A 612 9.89 26.25 0.56
N GLU A 613 11.12 25.94 0.15
CA GLU A 613 12.01 25.09 0.92
C GLU A 613 13.45 25.46 0.61
N LEU A 614 14.25 25.63 1.66
CA LEU A 614 15.66 25.96 1.53
C LEU A 614 16.48 25.07 2.45
N ASP A 615 17.57 24.52 1.94
CA ASP A 615 18.38 23.55 2.66
C ASP A 615 19.85 23.98 2.64
N MET A 616 20.09 25.25 2.92
CA MET A 616 21.45 25.78 2.97
C MET A 616 22.06 25.48 4.35
N ARG A 617 22.15 24.18 4.63
CA ARG A 617 22.27 23.73 6.01
C ARG A 617 23.69 23.85 6.57
N PHE A 618 24.64 23.10 6.00
CA PHE A 618 25.90 22.83 6.67
C PHE A 618 27.10 23.52 6.03
N ASN A 619 26.90 24.47 5.13
CA ASN A 619 28.03 25.16 4.52
C ASN A 619 28.51 26.29 5.45
N PRO A 620 29.77 26.27 5.88
CA PRO A 620 30.23 27.26 6.87
C PRO A 620 30.60 28.61 6.29
N PHE A 621 29.62 29.50 6.14
CA PHE A 621 29.90 30.85 5.69
C PHE A 621 30.87 31.55 6.62
N ASP A 622 31.73 32.39 6.04
CA ASP A 622 32.50 33.33 6.85
C ASP A 622 31.56 34.21 7.63
N CYS A 623 31.87 34.44 8.90
CA CYS A 623 30.97 35.15 9.80
C CYS A 623 31.40 36.62 9.85
N THR A 624 30.94 37.37 8.86
CA THR A 624 31.26 38.78 8.73
C THR A 624 29.99 39.53 8.40
N CYS A 625 29.93 40.80 8.83
CA CYS A 625 28.73 41.61 8.62
C CYS A 625 28.41 41.80 7.13
N GLU A 626 29.39 41.60 6.26
CA GLU A 626 29.14 41.67 4.82
C GLU A 626 28.90 40.32 4.19
N SER A 627 29.38 39.23 4.81
CA SER A 627 29.18 37.90 4.24
C SER A 627 27.72 37.47 4.34
N ILE A 628 27.11 37.64 5.51
CA ILE A 628 25.69 37.35 5.71
C ILE A 628 25.03 38.62 6.23
N ALA A 629 24.57 39.46 5.31
CA ALA A 629 23.77 40.63 5.62
C ALA A 629 22.41 40.58 4.95
N TRP A 630 22.38 40.42 3.62
CA TRP A 630 21.12 40.20 2.94
C TRP A 630 20.50 38.87 3.34
N PHE A 631 21.32 37.90 3.70
CA PHE A 631 20.79 36.62 4.20
C PHE A 631 20.05 36.81 5.52
N VAL A 632 20.63 37.57 6.45
CA VAL A 632 19.99 37.75 7.74
C VAL A 632 18.87 38.78 7.69
N ASN A 633 18.84 39.65 6.68
CA ASN A 633 17.67 40.48 6.46
C ASN A 633 16.61 39.80 5.61
N TRP A 634 16.94 38.66 4.99
CA TRP A 634 15.94 37.83 4.32
C TRP A 634 15.30 36.84 5.27
N ILE A 635 16.05 36.30 6.24
CA ILE A 635 15.45 35.44 7.24
C ILE A 635 14.59 36.21 8.24
N ASN A 636 14.52 37.53 8.12
CA ASN A 636 13.63 38.32 8.96
C ASN A 636 12.17 37.95 8.69
N GLU A 637 11.71 38.18 7.47
CA GLU A 637 10.38 37.75 7.05
C GLU A 637 10.54 36.54 6.12
N THR A 638 9.93 35.42 6.51
CA THR A 638 10.08 34.15 5.78
C THR A 638 8.70 33.59 5.48
N HIS A 639 8.12 33.99 4.35
CA HIS A 639 7.00 33.24 3.81
C HIS A 639 7.45 31.90 3.24
N THR A 640 8.76 31.71 3.11
CA THR A 640 9.32 30.42 2.71
C THR A 640 9.31 29.49 3.92
N ASN A 641 8.73 28.30 3.74
CA ASN A 641 8.60 27.35 4.84
C ASN A 641 9.99 26.77 5.09
N ILE A 642 10.85 27.62 5.63
CA ILE A 642 12.25 27.24 5.87
C ILE A 642 12.26 26.18 6.97
N PRO A 643 13.14 25.18 6.89
CA PRO A 643 13.32 24.27 8.02
C PRO A 643 13.84 25.01 9.23
N GLU A 644 13.88 24.32 10.38
CA GLU A 644 14.23 24.98 11.63
C GLU A 644 15.62 25.63 11.53
N LEU A 645 15.70 26.88 11.98
CA LEU A 645 16.93 27.67 11.86
C LEU A 645 17.86 27.51 13.06
N SER A 646 17.52 26.62 13.99
CA SER A 646 18.32 26.41 15.19
C SER A 646 19.25 25.22 14.99
N SER A 647 20.52 25.39 15.37
CA SER A 647 21.53 24.34 15.31
C SER A 647 21.78 23.84 13.89
N HIS A 648 21.51 24.69 12.90
CA HIS A 648 21.82 24.39 11.52
C HIS A 648 22.75 25.41 10.87
N TYR A 649 22.51 26.69 11.06
CA TYR A 649 23.34 27.74 10.48
C TYR A 649 24.32 28.22 11.56
N LEU A 650 25.61 28.11 11.28
CA LEU A 650 26.64 28.39 12.29
C LEU A 650 27.80 29.16 11.68
N CYS A 651 28.30 30.15 12.43
CA CYS A 651 29.52 30.86 12.09
C CYS A 651 30.71 29.95 12.36
N ASN A 652 31.61 29.82 11.39
CA ASN A 652 32.75 28.94 11.60
C ASN A 652 34.10 29.53 11.20
N THR A 653 34.12 30.41 10.20
CA THR A 653 35.40 30.77 9.60
C THR A 653 36.23 31.74 10.44
N PRO A 654 35.74 32.94 10.77
CA PRO A 654 36.62 33.93 11.41
C PRO A 654 36.61 33.79 12.92
N PRO A 655 37.78 33.72 13.54
CA PRO A 655 37.83 33.60 15.00
C PRO A 655 37.26 34.81 15.73
N HIS A 656 37.12 35.95 15.05
CA HIS A 656 36.60 37.14 15.71
C HIS A 656 35.16 36.94 16.18
N TYR A 657 34.32 36.29 15.35
CA TYR A 657 32.93 36.08 15.69
C TYR A 657 32.50 34.66 15.34
N HIS A 658 33.38 33.69 15.61
CA HIS A 658 33.07 32.30 15.28
C HIS A 658 32.02 31.73 16.22
N GLY A 659 31.22 30.81 15.69
CA GLY A 659 30.24 30.09 16.49
C GLY A 659 28.99 30.87 16.83
N PHE A 660 28.23 31.28 15.82
CA PHE A 660 27.01 32.04 16.06
C PHE A 660 25.95 31.73 15.01
N PRO A 661 24.72 31.44 15.42
CA PRO A 661 23.63 31.30 14.45
C PRO A 661 23.36 32.60 13.73
N VAL A 662 22.86 32.49 12.50
CA VAL A 662 22.68 33.67 11.66
C VAL A 662 21.57 34.56 12.21
N ARG A 663 20.51 33.97 12.77
CA ARG A 663 19.43 34.78 13.32
C ARG A 663 19.87 35.60 14.52
N LEU A 664 20.84 35.11 15.29
CA LEU A 664 21.32 35.82 16.48
C LEU A 664 22.45 36.79 16.17
N PHE A 665 22.85 36.92 14.90
CA PHE A 665 23.88 37.88 14.55
C PHE A 665 23.32 39.30 14.60
N ASP A 666 24.03 40.18 15.30
CA ASP A 666 23.58 41.56 15.47
C ASP A 666 23.75 42.32 14.16
N THR A 667 22.66 42.46 13.41
CA THR A 667 22.73 43.09 12.10
C THR A 667 22.97 44.59 12.18
N SER A 668 22.49 45.24 13.25
CA SER A 668 22.58 46.69 13.35
C SER A 668 24.02 47.18 13.42
N SER A 669 24.96 46.33 13.83
CA SER A 669 26.34 46.77 13.95
C SER A 669 26.92 47.21 12.61
N CYS A 670 26.64 46.46 11.55
CA CYS A 670 27.16 46.78 10.23
C CYS A 670 26.31 47.86 9.55
N SER B 1 9.82 8.32 7.97
CA SER B 1 8.74 7.57 8.59
C SER B 1 7.40 8.26 8.40
N LEU B 2 7.35 9.55 8.75
CA LEU B 2 6.11 10.31 8.60
C LEU B 2 5.77 10.54 7.14
N GLU B 3 6.79 10.71 6.29
CA GLU B 3 6.55 10.93 4.87
C GLU B 3 5.82 9.76 4.21
N GLU B 4 5.91 8.56 4.80
CA GLU B 4 5.15 7.42 4.29
C GLU B 4 3.66 7.72 4.26
N GLU B 5 3.17 8.55 5.19
CA GLU B 5 1.75 8.91 5.20
C GLU B 5 1.31 9.52 3.88
N ALA B 6 2.24 10.09 3.12
CA ALA B 6 1.89 10.70 1.84
C ALA B 6 1.30 9.68 0.86
N GLU B 7 1.49 8.38 1.10
CA GLU B 7 0.84 7.39 0.24
C GLU B 7 -0.67 7.55 0.30
N ARG B 8 -1.21 7.81 1.49
CA ARG B 8 -2.64 8.08 1.60
C ARG B 8 -3.06 9.19 0.66
N VAL B 9 -2.18 10.20 0.49
CA VAL B 9 -2.42 11.27 -0.48
C VAL B 9 -2.77 10.67 -1.84
N VAL B 10 -1.85 9.87 -2.40
CA VAL B 10 -2.14 9.31 -3.71
C VAL B 10 -3.31 8.34 -3.62
N GLU B 11 -3.49 7.70 -2.46
CA GLU B 11 -4.67 6.86 -2.27
C GLU B 11 -5.94 7.68 -2.40
N GLU B 12 -5.95 8.88 -1.81
CA GLU B 12 -7.05 9.80 -2.05
C GLU B 12 -7.22 10.04 -3.55
N LEU B 13 -6.11 10.29 -4.25
CA LEU B 13 -6.15 10.44 -5.69
C LEU B 13 -6.71 9.17 -6.33
N VAL B 14 -6.33 8.01 -5.83
CA VAL B 14 -6.87 6.76 -6.34
C VAL B 14 -8.39 6.76 -6.23
N LYS B 15 -8.91 7.26 -5.11
CA LYS B 15 -10.36 7.43 -5.00
C LYS B 15 -10.84 8.65 -5.77
N GLU B 16 -10.05 9.71 -5.84
CA GLU B 16 -10.50 10.93 -6.49
C GLU B 16 -10.50 10.79 -8.00
N PHE B 17 -9.47 10.15 -8.55
CA PHE B 17 -9.37 9.87 -9.99
C PHE B 17 -9.40 8.35 -10.17
N ASN B 18 -10.58 7.82 -10.52
CA ASN B 18 -10.75 6.39 -10.69
C ASN B 18 -10.14 5.98 -12.03
N LEU B 19 -8.81 5.86 -12.02
CA LEU B 19 -8.03 5.53 -13.21
C LEU B 19 -7.52 4.10 -13.12
N SER B 20 -6.76 3.70 -14.13
CA SER B 20 -6.34 2.32 -14.27
C SER B 20 -5.30 1.94 -13.24
N ARG B 21 -5.11 0.63 -13.06
CA ARG B 21 -4.06 0.13 -12.19
C ARG B 21 -2.68 0.48 -12.73
N THR B 22 -2.52 0.50 -14.06
CA THR B 22 -1.24 0.86 -14.65
C THR B 22 -0.85 2.29 -14.29
N GLN B 23 -1.81 3.21 -14.33
CA GLN B 23 -1.51 4.60 -13.98
C GLN B 23 -1.16 4.75 -12.51
N GLU B 24 -1.64 3.84 -11.66
CA GLU B 24 -1.26 3.86 -10.26
C GLU B 24 0.24 3.63 -10.10
N ILE B 25 0.80 2.74 -10.92
CA ILE B 25 2.24 2.51 -10.89
C ILE B 25 3.00 3.77 -11.30
N ALA B 26 2.52 4.47 -12.33
CA ALA B 26 3.17 5.70 -12.77
C ALA B 26 3.13 6.75 -11.68
N LEU B 27 1.98 6.91 -11.02
CA LEU B 27 1.87 7.87 -9.93
C LEU B 27 2.81 7.51 -8.79
N ARG B 28 2.88 6.22 -8.43
CA ARG B 28 3.77 5.80 -7.35
C ARG B 28 5.22 6.09 -7.69
N ARG B 29 5.64 5.79 -8.92
CA ARG B 29 7.04 6.03 -9.30
C ARG B 29 7.38 7.51 -9.28
N TYR B 30 6.49 8.34 -9.84
CA TYR B 30 6.73 9.79 -9.81
C TYR B 30 6.80 10.31 -8.38
N ALA B 31 5.89 9.85 -7.52
CA ALA B 31 5.89 10.27 -6.13
C ALA B 31 7.16 9.83 -5.42
N GLU B 32 7.62 8.61 -5.68
CA GLU B 32 8.82 8.11 -5.02
C GLU B 32 10.04 8.92 -5.42
N TYR B 33 10.19 9.20 -6.72
CA TYR B 33 11.33 10.00 -7.15
C TYR B 33 11.26 11.43 -6.60
N ALA B 34 10.07 12.04 -6.62
CA ALA B 34 9.94 13.38 -6.06
C ALA B 34 10.27 13.41 -4.57
N ALA B 35 9.75 12.44 -3.81
CA ALA B 35 10.00 12.40 -2.37
C ALA B 35 11.48 12.18 -2.08
N ARG B 36 12.13 11.29 -2.83
CA ARG B 36 13.56 11.12 -2.67
C ARG B 36 14.33 12.37 -3.07
N ALA B 37 13.76 13.22 -3.93
CA ALA B 37 14.39 14.47 -4.32
C ALA B 37 13.99 15.66 -3.46
N THR B 38 12.70 15.82 -3.17
CA THR B 38 12.25 16.99 -2.42
C THR B 38 12.65 16.88 -0.96
N ALA B 39 12.60 18.01 -0.26
CA ALA B 39 13.05 18.04 1.13
C ALA B 39 11.97 17.57 2.09
N SER B 40 10.89 18.35 2.24
CA SER B 40 9.86 18.01 3.22
C SER B 40 8.48 17.80 2.61
N GLU B 41 7.90 18.81 1.96
CA GLU B 41 6.47 18.79 1.70
C GLU B 41 6.01 20.01 0.90
N GLU B 42 4.71 20.09 0.63
CA GLU B 42 4.04 21.23 0.00
C GLU B 42 4.45 21.38 -1.46
N VAL B 43 5.39 20.55 -1.90
CA VAL B 43 5.68 20.38 -3.30
C VAL B 43 5.29 19.00 -3.79
N ILE B 44 5.32 17.98 -2.92
CA ILE B 44 4.81 16.66 -3.28
C ILE B 44 3.33 16.75 -3.64
N GLU B 45 2.56 17.45 -2.80
CA GLU B 45 1.11 17.56 -3.05
C GLU B 45 0.85 18.30 -4.36
N GLU B 46 1.54 19.41 -4.59
CA GLU B 46 1.33 20.17 -5.81
C GLU B 46 1.79 19.37 -7.04
N LEU B 47 2.98 18.77 -6.95
CA LEU B 47 3.50 18.00 -8.08
C LEU B 47 2.62 16.79 -8.38
N LEU B 48 2.18 16.07 -7.35
CA LEU B 48 1.34 14.90 -7.57
C LEU B 48 -0.04 15.31 -8.10
N ARG B 49 -0.56 16.44 -7.63
CA ARG B 49 -1.82 16.95 -8.17
C ARG B 49 -1.68 17.29 -9.65
N ASP B 50 -0.59 17.95 -10.02
CA ASP B 50 -0.36 18.28 -11.43
C ASP B 50 -0.19 17.01 -12.27
N VAL B 51 0.51 16.01 -11.74
CA VAL B 51 0.69 14.75 -12.45
C VAL B 51 -0.64 14.06 -12.66
N ALA B 52 -1.48 14.00 -11.62
CA ALA B 52 -2.78 13.38 -11.74
C ALA B 52 -3.65 14.13 -12.74
N GLU B 53 -3.57 15.46 -12.75
CA GLU B 53 -4.33 16.24 -13.73
C GLU B 53 -3.84 15.95 -15.14
N ARG B 54 -2.54 15.75 -15.32
CA ARG B 54 -1.95 15.45 -16.61
C ARG B 54 -1.76 13.96 -16.84
N LEU B 55 -2.61 13.14 -16.22
CA LEU B 55 -2.54 11.69 -16.43
C LEU B 55 -3.90 11.17 -16.88
N SER B 56 -4.97 11.83 -16.48
CA SER B 56 -6.32 11.43 -16.85
C SER B 56 -6.70 11.97 -18.23
C1 NAG C . -21.44 22.79 21.76
C2 NAG C . -21.88 23.81 20.72
C3 NAG C . -20.68 24.56 20.17
C4 NAG C . -19.85 25.15 21.30
C5 NAG C . -19.50 24.08 22.33
C6 NAG C . -18.81 24.64 23.55
C7 NAG C . -23.97 23.09 19.66
C8 NAG C . -24.58 22.40 18.46
N2 NAG C . -22.64 23.18 19.65
O3 NAG C . -21.12 25.58 19.29
O4 NAG C . -18.63 25.68 20.77
O5 NAG C . -20.70 23.45 22.80
O6 NAG C . -19.24 25.96 23.85
O7 NAG C . -24.65 23.52 20.57
C1 NAG C . -18.67 27.12 20.80
C2 NAG C . -17.34 27.65 20.25
C3 NAG C . -17.34 29.18 20.16
C4 NAG C . -18.57 29.67 19.39
C5 NAG C . -19.84 29.07 20.02
C6 NAG C . -21.09 29.44 19.25
C7 NAG C . -15.82 27.32 22.26
C8 NAG C . -16.73 28.15 23.13
N2 NAG C . -16.16 27.15 20.97
O3 NAG C . -16.16 29.62 19.49
O4 NAG C . -18.65 31.08 19.44
O5 NAG C . -19.75 27.64 20.02
O6 NAG C . -21.71 28.29 18.69
O7 NAG C . -14.78 26.84 22.71
C1 NAG D . -31.83 -29.77 -1.19
C2 NAG D . -31.62 -31.20 -0.68
C3 NAG D . -31.72 -32.19 -1.83
C4 NAG D . -33.02 -31.99 -2.60
C5 NAG D . -33.13 -30.54 -3.05
C6 NAG D . -34.44 -30.24 -3.74
C7 NAG D . -30.17 -31.98 1.15
C8 NAG D . -31.40 -32.59 1.75
N2 NAG D . -30.34 -31.33 0.00
O3 NAG D . -31.64 -33.52 -1.31
O4 NAG D . -33.05 -32.84 -3.74
O5 NAG D . -33.08 -29.69 -1.89
O6 NAG D . -34.28 -29.20 -4.70
O7 NAG D . -29.06 -32.08 1.69
C1 NAG D . -33.95 -33.93 -3.47
C2 NAG D . -34.59 -34.40 -4.79
C3 NAG D . -35.49 -35.61 -4.53
C4 NAG D . -34.73 -36.70 -3.81
C5 NAG D . -34.08 -36.15 -2.54
C6 NAG D . -33.20 -37.16 -1.83
C7 NAG D . -35.22 -32.97 -6.69
C8 NAG D . -34.24 -33.78 -7.49
N2 NAG D . -35.34 -33.32 -5.40
O3 NAG D . -35.98 -36.09 -5.77
O4 NAG D . -35.61 -37.76 -3.46
O5 NAG D . -33.24 -35.03 -2.87
O6 NAG D . -32.12 -36.52 -1.17
O7 NAG D . -35.87 -32.06 -7.18
C1 NAG E . -15.73 -39.88 -7.32
C2 NAG E . -16.75 -40.42 -8.32
C3 NAG E . -16.88 -41.94 -8.18
C4 NAG E . -15.52 -42.61 -8.25
C5 NAG E . -14.55 -41.97 -7.26
C6 NAG E . -13.13 -42.49 -7.37
C7 NAG E . -18.80 -39.80 -7.08
C8 NAG E . -20.09 -39.06 -7.16
N2 NAG E . -18.04 -39.78 -8.19
O3 NAG E . -17.74 -42.43 -9.20
O4 NAG E . -15.63 -43.99 -7.94
O5 NAG E . -14.49 -40.55 -7.49
O6 NAG E . -12.49 -42.50 -6.12
O7 NAG E . -18.43 -40.38 -6.06
C1 NAG E . -15.61 -44.77 -9.16
C2 NAG E . -15.23 -46.21 -8.80
C3 NAG E . -16.35 -47.18 -9.18
C4 NAG E . -16.78 -47.01 -10.63
C5 NAG E . -16.91 -45.53 -10.98
C6 NAG E . -18.20 -45.21 -11.69
C7 NAG E . -12.79 -46.43 -8.89
C8 NAG E . -11.61 -46.88 -9.71
N2 NAG E . -13.99 -46.59 -9.45
O3 NAG E . -17.47 -46.97 -8.31
O4 NAG E . -15.84 -47.62 -11.49
O5 NAG E . -16.88 -44.75 -9.78
O6 NAG E . -19.33 -45.54 -10.89
O7 NAG E . -12.65 -45.95 -7.78
C1 NAG F . 13.53 -20.42 -31.56
C2 NAG F . 12.87 -20.76 -32.89
C3 NAG F . 13.47 -22.04 -33.47
C4 NAG F . 14.99 -21.91 -33.56
C5 NAG F . 15.56 -21.52 -32.21
C6 NAG F . 17.06 -21.26 -32.26
C7 NAG F . 10.56 -20.11 -33.39
C8 NAG F . 9.10 -20.39 -33.12
N2 NAG F . 11.43 -20.90 -32.75
O3 NAG F . 12.92 -22.28 -34.76
O4 NAG F . 15.55 -23.15 -33.97
O5 NAG F . 14.94 -20.31 -31.74
O6 NAG F . 17.40 -20.42 -33.36
O7 NAG F . 10.92 -19.22 -34.15
C1 NAG F . 16.04 -23.03 -35.32
C2 NAG F . 16.88 -24.27 -35.65
C3 NAG F . 17.37 -24.21 -37.09
C4 NAG F . 16.21 -24.01 -38.04
C5 NAG F . 15.40 -22.79 -37.62
C6 NAG F . 14.14 -22.58 -38.46
C7 NAG F . 18.98 -23.52 -34.58
C8 NAG F . 20.04 -23.88 -33.57
N2 NAG F . 18.00 -24.42 -34.73
O3 NAG F . 18.05 -25.43 -37.41
O4 NAG F . 16.68 -23.82 -39.37
O5 NAG F . 14.96 -22.92 -36.27
O6 NAG F . 13.24 -23.66 -38.31
O7 NAG F . 19.03 -22.48 -35.23
C1 NAG G . 6.80 -6.83 -8.58
C2 NAG G . 6.26 -5.44 -8.28
C3 NAG G . 7.12 -4.77 -7.20
C4 NAG G . 7.24 -5.66 -5.98
C5 NAG G . 7.70 -7.06 -6.39
C6 NAG G . 7.70 -8.04 -5.23
C7 NAG G . 5.31 -3.68 -9.70
C8 NAG G . 5.43 -2.93 -11.00
N2 NAG G . 6.23 -4.62 -9.49
O3 NAG G . 6.54 -3.52 -6.84
O4 NAG G . 8.17 -5.11 -5.06
O5 NAG G . 6.83 -7.60 -7.38
O6 NAG G . 6.43 -8.10 -4.59
O7 NAG G . 4.43 -3.43 -8.89
C1 NAG G . 7.46 -4.66 -3.88
C2 NAG G . 8.35 -4.92 -2.66
C3 NAG G . 7.66 -4.42 -1.39
C4 NAG G . 7.24 -2.97 -1.55
C5 NAG G . 6.40 -2.78 -2.82
C6 NAG G . 6.06 -1.34 -3.10
C7 NAG G . 9.82 -6.77 -2.01
C8 NAG G . 9.99 -8.26 -1.97
N2 NAG G . 8.68 -6.34 -2.53
O3 NAG G . 8.54 -4.56 -0.28
O4 NAG G . 6.48 -2.55 -0.43
O5 NAG G . 7.13 -3.27 -3.95
O6 NAG G . 5.61 -0.68 -1.94
O7 NAG G . 10.69 -6.01 -1.60
C1 NAG H . -12.46 6.67 21.10
C2 NAG H . -12.21 7.03 19.64
C3 NAG H . -11.66 5.82 18.88
C4 NAG H . -10.44 5.26 19.60
C5 NAG H . -10.76 4.99 21.06
C6 NAG H . -9.55 4.56 21.86
C7 NAG H . -13.51 8.73 18.43
C8 NAG H . -12.27 9.58 18.48
N2 NAG H . -13.43 7.53 19.00
O3 NAG H . -11.32 6.21 17.56
O4 NAG H . -10.02 4.06 18.97
O5 NAG H . -11.26 6.18 21.69
O6 NAG H . -8.36 4.66 21.10
O7 NAG H . -14.55 9.13 17.90
C1 NAG I . -33.79 7.76 19.24
C2 NAG I . -34.80 8.88 19.45
C3 NAG I . -34.86 9.76 18.20
C4 NAG I . -33.47 10.27 17.85
C5 NAG I . -32.49 9.11 17.73
C6 NAG I . -31.06 9.55 17.55
C7 NAG I . -36.50 8.06 21.01
C8 NAG I . -37.89 7.52 21.17
N2 NAG I . -36.11 8.36 19.77
O3 NAG I . -35.75 10.85 18.42
O4 NAG I . -33.51 10.97 16.62
O5 NAG I . -32.52 8.31 18.94
O6 NAG I . -30.27 9.21 18.68
O7 NAG I . -35.74 8.20 21.97
C1 NAG J . -18.15 -11.63 0.62
C2 NAG J . -19.27 -10.59 0.55
C3 NAG J . -18.82 -9.37 -0.24
C4 NAG J . -17.51 -8.83 0.32
C5 NAG J . -16.47 -9.93 0.38
C6 NAG J . -15.18 -9.50 1.04
C7 NAG J . -21.71 -10.77 0.31
C8 NAG J . -22.84 -11.46 -0.40
N2 NAG J . -20.48 -11.16 -0.03
O3 NAG J . -19.83 -8.37 -0.19
O4 NAG J . -17.03 -7.77 -0.51
O5 NAG J . -16.97 -11.04 1.15
O6 NAG J . -15.42 -8.79 2.25
O7 NAG J . -21.91 -9.89 1.15
C1 NAG K . -29.17 -19.75 -6.43
C2 NAG K . -29.82 -19.71 -5.05
C3 NAG K . -30.82 -18.55 -4.97
C4 NAG K . -30.13 -17.24 -5.36
C5 NAG K . -29.43 -17.39 -6.71
C6 NAG K . -28.63 -16.16 -7.09
C7 NAG K . -30.44 -21.58 -3.57
C8 NAG K . -29.62 -20.90 -2.52
N2 NAG K . -30.50 -20.97 -4.75
O3 NAG K . -31.33 -18.45 -3.64
O4 NAG K . -31.09 -16.19 -5.45
O5 NAG K . -28.52 -18.49 -6.68
O6 NAG K . -29.05 -15.02 -6.37
O7 NAG K . -31.02 -22.64 -3.36
C1 NAG L . -7.58 -37.91 -11.91
C2 NAG L . -6.58 -38.24 -13.02
C3 NAG L . -5.52 -39.21 -12.51
C4 NAG L . -4.87 -38.66 -11.24
C5 NAG L . -5.95 -38.31 -10.20
C6 NAG L . -5.39 -37.67 -8.96
C7 NAG L . -6.95 -38.38 -15.44
C8 NAG L . -5.87 -37.35 -15.58
N2 NAG L . -7.24 -38.77 -14.19
O3 NAG L . -4.53 -39.42 -13.50
O4 NAG L . -3.98 -39.63 -10.68
O5 NAG L . -6.89 -37.38 -10.77
O6 NAG L . -4.64 -38.60 -8.18
O7 NAG L . -7.53 -38.85 -16.42
#